data_2C8K
#
_entry.id   2C8K
#
_cell.length_a   71.340
_cell.length_b   71.340
_cell.length_c   587.990
_cell.angle_alpha   90.00
_cell.angle_beta   90.00
_cell.angle_gamma   90.00
#
_symmetry.space_group_name_H-M   'P 41 21 2'
#
loop_
_entity.id
_entity.type
_entity.pdbx_description
1 polymer 'ARCOPLASMIC/ENDOPLASMIC RETICULUM CALCIUM ATPASE 1'
2 non-polymer 'OCTANOIC ACID [3S-[3ALPHA, 3ABETA, 4ALPHA, 6BETA, 6ABETA, 7BETA, 8ALPHA(Z), 9BALPHA]]-6-(ACETYLOXY)-2,3,-3A,4,5,6,6A,7,8,9B-DECAHYDRO-3,3A-DIHYDROXY-3,6,9-TRIMETHYL-8-[(2-METHYL-1-OXO-2-BUTENYL)OX Y]-2-OXO-4-(1-OXOBUTOXY)-AZULENO[4,5-B]FURAN-7-YL ESTER'
3 non-polymer 'PHOSPHOMETHYLPHOSPHONIC ACID ADENYLATE ESTER'
4 non-polymer 'MAGNESIUM ION'
5 non-polymer 'SODIUM ION'
#
_entity_poly.entity_id   1
_entity_poly.type   'polypeptide(L)'
_entity_poly.pdbx_seq_one_letter_code
;MEAAHSKSTEECLAYFGVSETTGLTPDQVKRHLEKYGHNELPAEEGKSLWELVIEQFEDLLVRILLLAACISFVLAWFEE
GEETITAFVEPFVILLILIANAIVGVWQERNAENAIEALKEYEPEMGKVYRADRKSVQRIKARDIVPGDIVEVAVGDKVP
ADIRILSIKSTTLRVDQSILTGESVSVIKHTEPVPDPRAVNQDKKNMLFSGTNIAAGKALGIVATTGVSTEIGKIRDQMA
ATEQDKTPLQQKLDEFGEQLSKVISLICVAVWLINIGHFNDPVHGGSWIRGAIYYFKIAVALAVAAIPEGLPAVITTCLA
LGTRRMAKKNAIVRSLPSVETLGCTSVICSDKTGTLTTNQMSVCKMFIIDKVDGDFCSLNEFSITGSTYAPEGEVLKNDK
PIRSGQFDGLVELATICALCNDSSLDFNETKGVYEKVGEATETALTTLVEKMNVFNTEVRNLSKVERANACNSVIRQLMK
KEFTLEFSRDRKSMSVYCSPAKSSRAAVGNKMFVKGAPEGVIDRCNYVRVGTTRVPMTGPVKEKILSVIKEWGTGRDTLR
CLALATRDTPPKREEMVLDDSSRFMEYETDLTFVGVVGMLDPPRKEVMGSIQLCRDAGIRVIMITGDNKGTAIAICRRIG
IFGENEEVADRAYTGREFDDLPLAEQREACRRACCFARVEPSHKSKIVEYLQSYDEITAMTGDGVNDAPALKKAEIGIAM
GSGTAVAKTASEMVLADDNFSTIVAAVEEGRAIYNNMKQFIRYLISSNVGEVVCIFLTAALGLPEALIPVQLLWVNLVTD
GLPATALGFNPPDLDIMDRPPRSPKEPLISGWLFFRYMAIGGYVGAATVGAAAWWFMYAEDGPGVTYHQLTHFMQCTEDH
PHFEGLDCEIFEAPEPMTMALSVLVTIEMCNALNSLSENQSLMRMPPWVNIWLLGSICLSMSLHFLILYVDPLPMIFKLK
ALDLTQWLMVLKISLPVIGLDEILKFIARNYLEG
;
_entity_poly.pdbx_strand_id   A
#
loop_
_chem_comp.id
_chem_comp.type
_chem_comp.name
_chem_comp.formula
ACP non-polymer 'PHOSPHOMETHYLPHOSPHONIC ACID ADENYLATE ESTER' 'C11 H18 N5 O12 P3'
MG non-polymer 'MAGNESIUM ION' 'Mg 2'
NA non-polymer 'SODIUM ION' 'Na 1'
TG1 non-polymer 'OCTANOIC ACID [3S-[3ALPHA, 3ABETA, 4ALPHA, 6BETA, 6ABETA, 7BETA, 8ALPHA(Z), 9BALPHA]]-6-(ACETYLOXY)-2,3,-3A,4,5,6,6A,7,8,9B-DECAHYDRO-3,3A-DIHYDROXY-3,6,9-TRIMETHYL-8-[(2-METHYL-1-OXO-2-BUTENYL)OX Y]-2-OXO-4-(1-OXOBUTOXY)-AZULENO[4,5-B]FURAN-7-YL ESTER' 'C34 H50 O12'
#
# COMPACT_ATOMS: atom_id res chain seq x y z
N MET A 1 28.32 -0.15 -22.51
CA MET A 1 27.81 0.69 -21.38
C MET A 1 28.52 0.19 -20.15
N GLU A 2 29.64 0.78 -19.82
CA GLU A 2 30.38 0.29 -18.66
C GLU A 2 29.83 0.70 -17.29
N ALA A 3 30.48 0.22 -16.23
CA ALA A 3 30.16 0.55 -14.83
C ALA A 3 31.26 1.60 -14.46
N ALA A 4 31.14 2.76 -15.10
CA ALA A 4 32.05 3.89 -15.01
C ALA A 4 32.51 4.52 -13.71
N HIS A 5 31.74 4.35 -12.65
CA HIS A 5 32.06 5.00 -11.39
C HIS A 5 33.38 4.56 -10.81
N SER A 6 33.79 3.34 -11.14
CA SER A 6 35.04 2.79 -10.62
C SER A 6 36.23 3.05 -11.52
N LYS A 7 35.95 3.40 -12.77
CA LYS A 7 36.99 3.67 -13.76
C LYS A 7 37.35 5.17 -13.79
N SER A 8 38.53 5.46 -14.31
CA SER A 8 38.98 6.83 -14.38
C SER A 8 38.26 7.56 -15.51
N THR A 9 38.50 8.87 -15.57
CA THR A 9 37.89 9.70 -16.60
C THR A 9 38.53 9.31 -17.93
N GLU A 10 39.81 8.97 -17.89
CA GLU A 10 40.54 8.57 -19.07
C GLU A 10 40.13 7.17 -19.49
N GLU A 11 39.90 6.30 -18.51
CA GLU A 11 39.49 4.94 -18.81
C GLU A 11 38.17 4.90 -19.61
N CYS A 12 37.17 5.64 -19.15
CA CYS A 12 35.88 5.69 -19.83
C CYS A 12 35.98 6.24 -21.25
N LEU A 13 36.83 7.26 -21.45
CA LEU A 13 36.96 7.85 -22.78
C LEU A 13 37.57 6.84 -23.72
N ALA A 14 38.57 6.13 -23.22
CA ALA A 14 39.21 5.10 -24.03
C ALA A 14 38.22 3.99 -24.35
N TYR A 15 37.47 3.55 -23.33
CA TYR A 15 36.51 2.48 -23.54
C TYR A 15 35.65 2.67 -24.78
N PHE A 16 34.93 3.78 -24.85
CA PHE A 16 34.06 4.04 -26.01
C PHE A 16 34.87 4.60 -27.17
N GLY A 17 36.17 4.83 -26.96
CA GLY A 17 37.00 5.38 -28.00
C GLY A 17 36.47 6.74 -28.46
N VAL A 18 36.18 7.61 -27.49
CA VAL A 18 35.66 8.93 -27.81
C VAL A 18 36.58 10.07 -27.36
N SER A 19 36.42 11.21 -28.03
CA SER A 19 37.20 12.42 -27.74
C SER A 19 36.34 13.38 -26.92
N GLU A 20 36.86 13.79 -25.75
CA GLU A 20 36.12 14.69 -24.88
C GLU A 20 35.86 16.03 -25.56
N THR A 21 36.84 16.48 -26.34
CA THR A 21 36.71 17.75 -27.03
C THR A 21 35.94 17.68 -28.34
N THR A 22 35.71 16.47 -28.87
CA THR A 22 34.99 16.32 -30.13
C THR A 22 33.66 15.60 -30.06
N GLY A 23 33.62 14.53 -29.27
CA GLY A 23 32.42 13.75 -29.17
C GLY A 23 32.41 12.62 -30.19
N LEU A 24 31.34 11.85 -30.20
CA LEU A 24 31.21 10.73 -31.12
C LEU A 24 31.07 11.23 -32.54
N THR A 25 31.62 10.46 -33.47
CA THR A 25 31.54 10.78 -34.89
C THR A 25 30.25 10.14 -35.42
N PRO A 26 29.67 10.71 -36.47
CA PRO A 26 28.43 10.17 -37.04
C PRO A 26 28.42 8.64 -37.18
N ASP A 27 29.60 8.06 -37.39
CA ASP A 27 29.71 6.61 -37.54
C ASP A 27 29.49 6.02 -36.17
N GLN A 28 30.30 6.48 -35.21
CA GLN A 28 30.20 6.04 -33.83
C GLN A 28 28.75 6.11 -33.32
N VAL A 29 28.05 7.18 -33.68
CA VAL A 29 26.67 7.33 -33.26
C VAL A 29 25.85 6.22 -33.88
N LYS A 30 25.98 6.04 -35.19
CA LYS A 30 25.25 5.01 -35.91
C LYS A 30 25.48 3.65 -35.29
N ARG A 31 26.75 3.31 -35.12
CA ARG A 31 27.11 2.03 -34.53
C ARG A 31 26.52 1.92 -33.13
N HIS A 32 27.02 2.74 -32.20
CA HIS A 32 26.53 2.73 -30.82
C HIS A 32 25.00 2.63 -30.73
N LEU A 33 24.32 3.45 -31.53
CA LEU A 33 22.87 3.46 -31.56
C LEU A 33 22.29 2.09 -31.85
N GLU A 34 22.94 1.35 -32.74
CA GLU A 34 22.48 0.01 -33.11
C GLU A 34 22.75 -1.00 -32.00
N LYS A 35 23.95 -0.95 -31.45
CA LYS A 35 24.36 -1.86 -30.39
C LYS A 35 23.52 -1.70 -29.11
N TYR A 36 23.42 -0.47 -28.61
CA TYR A 36 22.70 -0.15 -27.38
C TYR A 36 21.26 0.33 -27.57
N GLY A 37 20.88 0.61 -28.81
CA GLY A 37 19.53 1.06 -29.08
C GLY A 37 19.26 2.48 -28.60
N HIS A 38 17.98 2.88 -28.63
CA HIS A 38 17.57 4.21 -28.19
C HIS A 38 17.47 4.37 -26.68
N ASN A 39 17.81 5.57 -26.23
CA ASN A 39 17.80 5.92 -24.81
C ASN A 39 16.42 6.17 -24.21
N GLU A 40 15.60 5.13 -24.12
CA GLU A 40 14.27 5.29 -23.55
C GLU A 40 13.82 3.97 -22.93
N LEU A 41 12.69 4.01 -22.22
CA LEU A 41 12.13 2.83 -21.59
C LEU A 41 11.08 2.24 -22.54
N PRO A 42 10.94 0.90 -22.54
CA PRO A 42 9.94 0.31 -23.42
C PRO A 42 8.58 0.98 -23.30
N ALA A 43 7.83 0.99 -24.40
CA ALA A 43 6.50 1.60 -24.42
C ALA A 43 5.58 0.93 -23.42
N GLU A 44 4.42 1.54 -23.19
CA GLU A 44 3.45 1.02 -22.25
C GLU A 44 2.54 0.00 -22.91
N GLU A 45 1.89 -0.82 -22.09
CA GLU A 45 0.98 -1.84 -22.58
C GLU A 45 -0.42 -1.68 -21.99
N GLY A 46 -1.21 -0.80 -22.60
CA GLY A 46 -2.57 -0.58 -22.15
C GLY A 46 -3.56 -1.14 -23.17
N LYS A 47 -3.56 -2.45 -23.30
CA LYS A 47 -4.44 -3.15 -24.23
C LYS A 47 -5.78 -2.48 -24.47
N SER A 48 -6.25 -2.55 -25.71
CA SER A 48 -7.51 -1.92 -26.12
C SER A 48 -8.79 -2.37 -25.45
N LEU A 49 -9.86 -1.63 -25.74
CA LEU A 49 -11.19 -1.90 -25.19
C LEU A 49 -11.67 -3.26 -25.66
N TRP A 50 -11.30 -3.61 -26.90
CA TRP A 50 -11.71 -4.89 -27.42
C TRP A 50 -11.09 -5.98 -26.55
N GLU A 51 -9.83 -5.80 -26.19
CA GLU A 51 -9.12 -6.75 -25.36
C GLU A 51 -9.64 -6.67 -23.93
N LEU A 52 -10.19 -5.51 -23.58
CA LEU A 52 -10.77 -5.31 -22.26
C LEU A 52 -12.05 -6.11 -22.17
N VAL A 53 -13.06 -5.69 -22.92
CA VAL A 53 -14.35 -6.37 -22.94
C VAL A 53 -14.16 -7.87 -23.01
N ILE A 54 -13.26 -8.30 -23.89
CA ILE A 54 -12.99 -9.74 -24.05
C ILE A 54 -12.65 -10.37 -22.70
N GLU A 55 -11.96 -9.62 -21.86
CA GLU A 55 -11.59 -10.13 -20.55
C GLU A 55 -12.80 -9.99 -19.63
N GLN A 56 -13.58 -8.92 -19.84
CA GLN A 56 -14.77 -8.67 -19.05
C GLN A 56 -15.76 -9.79 -19.33
N PHE A 57 -15.39 -10.64 -20.31
CA PHE A 57 -16.20 -11.78 -20.72
C PHE A 57 -15.34 -13.05 -20.73
N GLU A 58 -14.33 -13.06 -19.87
CA GLU A 58 -13.41 -14.20 -19.78
C GLU A 58 -13.69 -15.00 -18.51
N ASP A 59 -14.56 -14.46 -17.67
CA ASP A 59 -14.95 -15.12 -16.42
C ASP A 59 -15.87 -16.29 -16.78
N LEU A 60 -15.68 -17.42 -16.09
CA LEU A 60 -16.50 -18.60 -16.37
C LEU A 60 -17.98 -18.36 -16.13
N LEU A 61 -18.30 -17.53 -15.14
CA LEU A 61 -19.69 -17.25 -14.85
C LEU A 61 -20.26 -16.27 -15.87
N VAL A 62 -19.53 -15.19 -16.14
CA VAL A 62 -20.02 -14.21 -17.11
C VAL A 62 -20.23 -14.93 -18.43
N ARG A 63 -19.49 -16.01 -18.65
CA ARG A 63 -19.68 -16.76 -19.87
C ARG A 63 -21.00 -17.49 -19.77
N ILE A 64 -21.10 -18.36 -18.76
CA ILE A 64 -22.33 -19.11 -18.54
C ILE A 64 -23.55 -18.20 -18.66
N LEU A 65 -23.43 -16.95 -18.22
CA LEU A 65 -24.56 -16.04 -18.35
C LEU A 65 -24.76 -15.69 -19.82
N LEU A 66 -23.66 -15.46 -20.54
CA LEU A 66 -23.77 -15.12 -21.95
C LEU A 66 -24.51 -16.22 -22.69
N LEU A 67 -24.04 -17.46 -22.51
CA LEU A 67 -24.67 -18.60 -23.16
C LEU A 67 -26.16 -18.61 -22.82
N ALA A 68 -26.47 -18.50 -21.53
CA ALA A 68 -27.85 -18.48 -21.06
C ALA A 68 -28.65 -17.39 -21.75
N ALA A 69 -28.06 -16.21 -21.86
CA ALA A 69 -28.72 -15.09 -22.51
C ALA A 69 -29.07 -15.47 -23.95
N CYS A 70 -28.16 -16.18 -24.62
CA CYS A 70 -28.42 -16.58 -25.98
C CYS A 70 -29.61 -17.53 -26.06
N ILE A 71 -29.54 -18.62 -25.31
CA ILE A 71 -30.63 -19.60 -25.28
C ILE A 71 -31.96 -18.90 -25.05
N SER A 72 -31.99 -17.98 -24.09
CA SER A 72 -33.22 -17.24 -23.80
C SER A 72 -33.62 -16.41 -25.01
N PHE A 73 -32.65 -15.71 -25.58
CA PHE A 73 -32.91 -14.88 -26.75
C PHE A 73 -33.45 -15.71 -27.90
N VAL A 74 -32.91 -16.91 -28.05
CA VAL A 74 -33.35 -17.83 -29.10
C VAL A 74 -34.78 -18.28 -28.83
N LEU A 75 -35.05 -18.59 -27.56
CA LEU A 75 -36.38 -19.02 -27.16
C LEU A 75 -37.39 -17.87 -27.25
N ALA A 76 -36.89 -16.67 -27.06
CA ALA A 76 -37.72 -15.47 -27.09
C ALA A 76 -38.25 -15.13 -28.47
N TRP A 77 -38.01 -16.01 -29.44
CA TRP A 77 -38.45 -15.76 -30.79
C TRP A 77 -39.21 -16.96 -31.35
N PHE A 78 -39.30 -18.01 -30.54
CA PHE A 78 -39.94 -19.26 -30.93
C PHE A 78 -41.47 -19.43 -30.87
N GLU A 79 -42.20 -18.51 -30.27
CA GLU A 79 -43.66 -18.66 -30.21
C GLU A 79 -44.43 -17.52 -30.86
N GLU A 80 -45.69 -17.78 -31.21
CA GLU A 80 -46.55 -16.79 -31.86
C GLU A 80 -46.34 -15.41 -31.19
N GLY A 81 -46.40 -14.35 -32.00
CA GLY A 81 -46.09 -12.97 -31.61
C GLY A 81 -46.55 -12.04 -30.49
N GLU A 82 -47.79 -11.56 -30.61
CA GLU A 82 -48.38 -10.61 -29.66
C GLU A 82 -48.37 -10.95 -28.18
N GLU A 83 -49.07 -12.00 -27.78
CA GLU A 83 -49.15 -12.38 -26.37
C GLU A 83 -47.79 -12.60 -25.68
N THR A 84 -46.79 -13.00 -26.46
CA THR A 84 -45.46 -13.31 -25.96
C THR A 84 -44.59 -12.08 -25.66
N ILE A 85 -44.76 -11.06 -26.49
CA ILE A 85 -44.02 -9.80 -26.43
C ILE A 85 -42.93 -9.60 -25.36
N THR A 86 -43.21 -9.88 -24.09
CA THR A 86 -42.22 -9.71 -23.01
C THR A 86 -41.02 -10.65 -23.09
N ALA A 87 -41.16 -11.70 -23.89
CA ALA A 87 -40.10 -12.69 -24.05
C ALA A 87 -39.00 -12.19 -24.96
N PHE A 88 -38.40 -11.10 -24.51
CA PHE A 88 -37.28 -10.43 -25.14
C PHE A 88 -36.73 -9.58 -24.00
N VAL A 89 -37.39 -9.70 -22.86
CA VAL A 89 -37.04 -9.02 -21.62
C VAL A 89 -35.96 -9.84 -20.92
N GLU A 90 -36.20 -11.14 -20.85
CA GLU A 90 -35.26 -12.07 -20.22
C GLU A 90 -33.89 -11.91 -20.84
N PRO A 91 -33.76 -12.14 -22.16
CA PRO A 91 -32.44 -11.99 -22.77
C PRO A 91 -31.89 -10.57 -22.68
N PHE A 92 -32.77 -9.58 -22.82
CA PHE A 92 -32.33 -8.19 -22.76
C PHE A 92 -31.76 -7.80 -21.39
N VAL A 93 -32.37 -8.29 -20.33
CA VAL A 93 -31.90 -7.96 -18.99
C VAL A 93 -30.52 -8.56 -18.77
N ILE A 94 -30.41 -9.87 -18.92
CA ILE A 94 -29.13 -10.54 -18.75
C ILE A 94 -28.04 -9.72 -19.40
N LEU A 95 -28.19 -9.50 -20.71
CA LEU A 95 -27.21 -8.74 -21.48
C LEU A 95 -26.86 -7.42 -20.81
N LEU A 96 -27.87 -6.65 -20.41
CA LEU A 96 -27.62 -5.37 -19.76
C LEU A 96 -26.63 -5.62 -18.64
N ILE A 97 -27.03 -6.47 -17.70
CA ILE A 97 -26.21 -6.86 -16.58
C ILE A 97 -24.78 -7.04 -17.05
N LEU A 98 -24.58 -8.04 -17.91
CA LEU A 98 -23.25 -8.30 -18.46
C LEU A 98 -22.68 -6.97 -18.93
N ILE A 99 -23.24 -6.46 -20.01
CA ILE A 99 -22.82 -5.19 -20.60
C ILE A 99 -22.40 -4.18 -19.53
N ALA A 100 -23.24 -3.99 -18.52
CA ALA A 100 -22.93 -3.04 -17.45
C ALA A 100 -21.57 -3.35 -16.84
N ASN A 101 -21.32 -4.61 -16.50
CA ASN A 101 -20.04 -4.99 -15.92
C ASN A 101 -18.92 -4.63 -16.90
N ALA A 102 -19.13 -4.94 -18.17
CA ALA A 102 -18.15 -4.63 -19.19
C ALA A 102 -17.91 -3.12 -19.20
N ILE A 103 -18.96 -2.36 -18.95
CA ILE A 103 -18.88 -0.91 -18.90
C ILE A 103 -18.08 -0.50 -17.68
N VAL A 104 -18.03 -1.36 -16.67
CA VAL A 104 -17.29 -1.08 -15.45
C VAL A 104 -15.81 -1.31 -15.66
N GLY A 105 -15.46 -2.51 -16.09
CA GLY A 105 -14.08 -2.84 -16.33
C GLY A 105 -13.39 -1.83 -17.21
N VAL A 106 -14.12 -1.29 -18.18
CA VAL A 106 -13.54 -0.30 -19.09
C VAL A 106 -13.23 1.02 -18.39
N TRP A 107 -14.21 1.59 -17.70
CA TRP A 107 -13.99 2.86 -17.01
C TRP A 107 -13.09 2.62 -15.80
N GLN A 108 -13.18 1.43 -15.23
CA GLN A 108 -12.38 1.03 -14.09
C GLN A 108 -10.90 1.15 -14.43
N GLU A 109 -10.42 0.19 -15.22
CA GLU A 109 -9.04 0.14 -15.65
C GLU A 109 -8.57 1.41 -16.35
N ARG A 110 -9.36 1.92 -17.29
CA ARG A 110 -8.98 3.11 -18.06
C ARG A 110 -8.52 4.29 -17.21
N ASN A 111 -8.96 4.36 -15.96
CA ASN A 111 -8.56 5.47 -15.10
C ASN A 111 -7.44 5.09 -14.15
N ALA A 112 -6.93 3.87 -14.28
CA ALA A 112 -5.85 3.40 -13.44
C ALA A 112 -4.57 4.12 -13.85
N GLU A 113 -3.41 3.57 -13.45
CA GLU A 113 -2.13 4.18 -13.79
C GLU A 113 -0.95 3.30 -13.41
N ASN A 114 -0.14 2.93 -14.41
CA ASN A 114 1.03 2.09 -14.18
C ASN A 114 2.12 2.88 -13.49
N ALA A 115 2.75 2.28 -12.49
CA ALA A 115 3.83 2.95 -11.78
C ALA A 115 4.97 3.11 -12.77
N ILE A 116 4.98 2.26 -13.79
CA ILE A 116 6.00 2.30 -14.82
C ILE A 116 5.77 3.51 -15.72
N GLU A 117 4.51 3.82 -15.98
CA GLU A 117 4.17 4.99 -16.80
C GLU A 117 4.68 6.25 -16.10
N ALA A 118 4.64 6.24 -14.77
CA ALA A 118 5.06 7.37 -13.95
C ALA A 118 6.56 7.64 -14.10
N LEU A 119 7.33 6.59 -14.32
CA LEU A 119 8.78 6.72 -14.49
C LEU A 119 9.12 7.60 -15.68
N LYS A 120 8.31 7.50 -16.72
CA LYS A 120 8.52 8.27 -17.94
C LYS A 120 8.35 9.77 -17.72
N GLU A 121 7.85 10.14 -16.56
CA GLU A 121 7.70 11.55 -16.25
C GLU A 121 9.07 12.04 -15.85
N TYR A 122 10.05 11.13 -15.84
CA TYR A 122 11.41 11.46 -15.45
C TYR A 122 12.37 11.56 -16.63
N GLU A 123 11.89 11.22 -17.81
CA GLU A 123 12.70 11.26 -19.02
C GLU A 123 12.63 12.62 -19.71
N PRO A 124 13.71 13.40 -19.65
CA PRO A 124 13.63 14.70 -20.31
C PRO A 124 13.54 14.50 -21.83
N GLU A 125 12.72 15.30 -22.50
CA GLU A 125 12.56 15.20 -23.94
C GLU A 125 13.86 15.59 -24.66
N MET A 126 14.61 16.52 -24.08
CA MET A 126 15.86 16.95 -24.72
C MET A 126 17.08 16.76 -23.84
N GLY A 127 18.24 16.79 -24.48
CA GLY A 127 19.50 16.66 -23.79
C GLY A 127 20.48 17.57 -24.53
N LYS A 128 21.73 17.58 -24.11
CA LYS A 128 22.72 18.41 -24.79
C LYS A 128 24.03 17.66 -24.93
N VAL A 129 24.46 17.49 -26.17
CA VAL A 129 25.70 16.78 -26.46
C VAL A 129 26.68 17.52 -27.34
N TYR A 130 27.88 16.97 -27.41
CA TYR A 130 28.96 17.47 -28.24
C TYR A 130 29.36 16.32 -29.15
N ARG A 131 29.04 16.48 -30.42
CA ARG A 131 29.34 15.47 -31.41
C ARG A 131 30.27 16.06 -32.48
N ALA A 132 31.07 15.21 -33.09
CA ALA A 132 32.05 15.60 -34.10
C ALA A 132 31.61 16.48 -35.29
N ASP A 133 30.34 16.39 -35.68
CA ASP A 133 29.85 17.17 -36.82
C ASP A 133 29.56 18.65 -36.57
N ARG A 134 30.07 19.18 -35.46
CA ARG A 134 29.90 20.59 -35.09
C ARG A 134 30.84 20.92 -33.91
N LYS A 135 30.95 22.21 -33.59
CA LYS A 135 31.82 22.63 -32.49
C LYS A 135 30.99 23.07 -31.30
N SER A 136 29.90 23.78 -31.56
CA SER A 136 29.02 24.24 -30.50
C SER A 136 28.10 23.10 -30.10
N VAL A 137 27.67 23.08 -28.83
CA VAL A 137 26.80 22.02 -28.32
C VAL A 137 25.51 21.87 -29.11
N GLN A 138 25.06 20.63 -29.25
CA GLN A 138 23.83 20.36 -29.97
C GLN A 138 22.76 19.94 -28.99
N ARG A 139 21.57 20.50 -29.16
CA ARG A 139 20.46 20.19 -28.29
C ARG A 139 19.60 19.16 -29.02
N ILE A 140 19.79 17.88 -28.69
CA ILE A 140 19.02 16.81 -29.34
C ILE A 140 18.05 16.14 -28.38
N LYS A 141 17.16 15.34 -28.94
CA LYS A 141 16.17 14.61 -28.14
C LYS A 141 16.86 13.53 -27.32
N ALA A 142 16.66 13.56 -26.01
CA ALA A 142 17.27 12.59 -25.09
C ALA A 142 17.17 11.20 -25.68
N ARG A 143 16.00 10.87 -26.20
CA ARG A 143 15.75 9.59 -26.82
C ARG A 143 16.92 9.11 -27.69
N ASP A 144 17.58 10.05 -28.38
CA ASP A 144 18.68 9.71 -29.26
C ASP A 144 20.05 9.80 -28.61
N ILE A 145 20.11 9.96 -27.29
CA ILE A 145 21.41 10.01 -26.67
C ILE A 145 21.95 8.57 -26.58
N VAL A 146 23.25 8.43 -26.73
CA VAL A 146 23.89 7.13 -26.78
C VAL A 146 25.08 6.98 -25.81
N PRO A 147 25.39 5.73 -25.41
CA PRO A 147 26.51 5.55 -24.48
C PRO A 147 27.79 5.96 -25.19
N GLY A 148 28.56 6.82 -24.55
CA GLY A 148 29.81 7.25 -25.15
C GLY A 148 29.84 8.70 -25.63
N ASP A 149 28.72 9.31 -25.98
CA ASP A 149 28.86 10.69 -26.43
C ASP A 149 28.89 11.65 -25.25
N ILE A 150 29.57 12.77 -25.46
CA ILE A 150 29.75 13.77 -24.44
C ILE A 150 28.50 14.56 -24.21
N VAL A 151 28.10 14.60 -22.94
CA VAL A 151 26.89 15.27 -22.55
C VAL A 151 27.23 16.46 -21.69
N GLU A 152 26.38 17.48 -21.77
CA GLU A 152 26.60 18.66 -20.97
C GLU A 152 25.31 18.99 -20.24
N VAL A 153 25.41 19.26 -18.95
CA VAL A 153 24.23 19.59 -18.16
C VAL A 153 24.50 20.79 -17.28
N ALA A 154 23.42 21.47 -16.91
CA ALA A 154 23.51 22.64 -16.05
C ALA A 154 22.22 22.83 -15.25
N VAL A 155 22.30 23.69 -14.24
CA VAL A 155 21.18 24.01 -13.38
C VAL A 155 19.81 23.84 -14.05
N GLY A 156 18.90 23.16 -13.36
CA GLY A 156 17.57 22.97 -13.91
C GLY A 156 17.45 21.85 -14.92
N ASP A 157 18.57 21.41 -15.49
CA ASP A 157 18.48 20.32 -16.45
C ASP A 157 18.17 18.99 -15.76
N LYS A 158 17.26 18.23 -16.34
CA LYS A 158 16.93 16.90 -15.85
C LYS A 158 17.95 15.95 -16.50
N VAL A 159 18.79 15.30 -15.69
CA VAL A 159 19.80 14.37 -16.23
C VAL A 159 19.16 13.36 -17.22
N PRO A 160 19.62 13.37 -18.49
CA PRO A 160 19.07 12.50 -19.51
C PRO A 160 19.52 11.03 -19.50
N ALA A 161 20.59 10.70 -18.78
CA ALA A 161 21.06 9.32 -18.76
C ALA A 161 22.08 9.10 -17.66
N ASP A 162 22.55 7.86 -17.50
CA ASP A 162 23.54 7.60 -16.48
C ASP A 162 24.88 8.05 -17.01
N ILE A 163 25.30 9.21 -16.49
CA ILE A 163 26.51 9.87 -16.93
C ILE A 163 27.67 9.82 -15.95
N ARG A 164 28.84 9.50 -16.48
CA ARG A 164 30.06 9.50 -15.67
C ARG A 164 30.54 10.94 -15.87
N ILE A 165 30.89 11.63 -14.79
CA ILE A 165 31.29 13.03 -14.93
C ILE A 165 32.75 13.12 -15.35
N LEU A 166 33.01 13.96 -16.37
CA LEU A 166 34.37 14.16 -16.86
C LEU A 166 35.00 15.40 -16.25
N SER A 167 34.28 16.51 -16.26
CA SER A 167 34.79 17.75 -15.68
C SER A 167 33.68 18.70 -15.31
N ILE A 168 33.84 19.31 -14.14
CA ILE A 168 32.87 20.26 -13.63
C ILE A 168 33.31 21.71 -13.96
N LYS A 169 32.53 22.35 -14.83
CA LYS A 169 32.83 23.71 -15.28
C LYS A 169 32.56 24.77 -14.21
N SER A 170 31.43 24.63 -13.51
CA SER A 170 31.06 25.56 -12.44
C SER A 170 32.04 25.31 -11.31
N THR A 171 31.92 26.02 -10.19
CA THR A 171 32.87 25.82 -9.09
C THR A 171 32.42 24.66 -8.20
N THR A 172 31.18 24.24 -8.41
CA THR A 172 30.64 23.16 -7.63
C THR A 172 29.44 22.60 -8.38
N LEU A 173 29.25 21.28 -8.30
CA LEU A 173 28.12 20.65 -8.95
C LEU A 173 27.27 20.02 -7.86
N ARG A 174 25.98 20.37 -7.84
CA ARG A 174 25.03 19.87 -6.84
C ARG A 174 23.88 19.23 -7.56
N VAL A 175 23.41 18.11 -7.02
CA VAL A 175 22.33 17.37 -7.65
C VAL A 175 21.22 16.97 -6.70
N ASP A 176 19.99 17.04 -7.19
CA ASP A 176 18.85 16.62 -6.42
C ASP A 176 18.51 15.20 -6.85
N GLN A 177 18.98 14.22 -6.08
CA GLN A 177 18.71 12.82 -6.41
C GLN A 177 17.51 12.30 -5.59
N SER A 178 16.57 13.18 -5.31
CA SER A 178 15.41 12.77 -4.53
C SER A 178 14.54 11.70 -5.20
N ILE A 179 14.11 11.92 -6.44
CA ILE A 179 13.27 10.94 -7.11
C ILE A 179 13.77 9.50 -6.86
N LEU A 180 15.05 9.36 -6.49
CA LEU A 180 15.57 8.02 -6.17
C LEU A 180 15.20 7.74 -4.72
N THR A 181 15.60 8.65 -3.83
CA THR A 181 15.37 8.55 -2.38
C THR A 181 14.18 9.36 -1.80
N GLY A 182 14.16 10.67 -2.06
CA GLY A 182 13.09 11.51 -1.54
C GLY A 182 13.67 12.71 -0.79
N GLU A 183 14.89 12.54 -0.29
CA GLU A 183 15.58 13.61 0.42
C GLU A 183 15.83 14.71 -0.60
N SER A 184 15.30 15.89 -0.32
CA SER A 184 15.46 17.02 -1.24
C SER A 184 16.86 17.65 -1.15
N VAL A 185 17.63 17.25 -0.15
CA VAL A 185 18.97 17.78 0.06
C VAL A 185 19.90 17.49 -1.12
N SER A 186 20.26 18.55 -1.85
CA SER A 186 21.15 18.41 -3.01
C SER A 186 22.46 17.77 -2.60
N VAL A 187 23.13 17.12 -3.55
CA VAL A 187 24.39 16.45 -3.28
C VAL A 187 25.52 16.97 -4.15
N ILE A 188 26.69 17.10 -3.53
CA ILE A 188 27.88 17.58 -4.21
C ILE A 188 28.48 16.41 -4.98
N LYS A 189 28.89 16.65 -6.22
CA LYS A 189 29.50 15.61 -7.04
C LYS A 189 30.96 15.94 -7.30
N HIS A 190 31.78 14.91 -7.54
CA HIS A 190 33.20 15.12 -7.83
C HIS A 190 33.60 14.48 -9.14
N THR A 191 34.89 14.26 -9.36
CA THR A 191 35.32 13.68 -10.63
C THR A 191 36.20 12.44 -10.57
N GLU A 192 36.97 12.33 -9.49
CA GLU A 192 37.86 11.18 -9.30
C GLU A 192 37.05 9.90 -9.18
N PRO A 193 37.67 8.75 -9.47
CA PRO A 193 36.94 7.48 -9.36
C PRO A 193 36.59 7.01 -7.98
N VAL A 194 35.62 6.11 -7.94
CA VAL A 194 35.15 5.50 -6.70
C VAL A 194 35.55 4.02 -6.84
N PRO A 195 36.61 3.60 -6.13
CA PRO A 195 37.23 2.27 -6.06
C PRO A 195 36.30 1.05 -6.11
N ASP A 196 35.49 0.91 -5.06
CA ASP A 196 34.58 -0.22 -4.96
C ASP A 196 33.68 -0.33 -6.19
N PRO A 197 33.75 -1.45 -6.91
CA PRO A 197 32.94 -1.69 -8.11
C PRO A 197 31.50 -2.06 -7.76
N ARG A 198 31.29 -2.42 -6.49
CA ARG A 198 29.99 -2.84 -6.01
C ARG A 198 29.38 -1.79 -5.10
N ALA A 199 29.72 -0.54 -5.40
CA ALA A 199 29.25 0.62 -4.65
C ALA A 199 27.78 0.96 -4.83
N VAL A 200 27.13 1.39 -3.77
CA VAL A 200 25.73 1.78 -3.88
C VAL A 200 25.63 3.19 -4.48
N ASN A 201 24.61 3.41 -5.29
CA ASN A 201 24.46 4.71 -5.93
C ASN A 201 24.83 5.88 -5.01
N GLN A 202 24.29 5.93 -3.80
CA GLN A 202 24.61 7.01 -2.87
C GLN A 202 26.11 7.36 -2.74
N ASP A 203 26.99 6.43 -3.10
CA ASP A 203 28.42 6.68 -3.01
C ASP A 203 29.08 6.85 -4.37
N LYS A 204 28.30 6.87 -5.43
CA LYS A 204 28.85 7.09 -6.76
C LYS A 204 28.83 8.62 -6.92
N LYS A 205 29.77 9.25 -6.22
CA LYS A 205 29.93 10.68 -6.18
C LYS A 205 30.38 11.36 -7.47
N ASN A 206 30.75 10.56 -8.48
CA ASN A 206 31.21 11.10 -9.77
C ASN A 206 30.21 10.71 -10.85
N MET A 207 29.01 10.35 -10.43
CA MET A 207 28.00 9.90 -11.37
C MET A 207 26.75 10.76 -11.43
N LEU A 208 26.14 10.85 -12.60
CA LEU A 208 24.92 11.61 -12.72
C LEU A 208 23.85 10.59 -13.12
N PHE A 209 22.74 10.55 -12.41
CA PHE A 209 21.71 9.58 -12.72
C PHE A 209 20.57 10.09 -13.55
N SER A 210 20.31 9.40 -14.65
CA SER A 210 19.18 9.76 -15.50
C SER A 210 17.96 9.94 -14.59
N GLY A 211 17.31 11.10 -14.68
CA GLY A 211 16.11 11.31 -13.87
C GLY A 211 16.29 12.37 -12.82
N THR A 212 17.49 12.46 -12.27
CA THR A 212 17.75 13.46 -11.26
C THR A 212 17.88 14.86 -11.86
N ASN A 213 17.86 15.88 -11.01
CA ASN A 213 17.96 17.27 -11.46
C ASN A 213 19.21 17.95 -10.95
N ILE A 214 19.71 18.90 -11.72
CA ILE A 214 20.90 19.62 -11.33
C ILE A 214 20.53 20.84 -10.51
N ALA A 215 20.88 20.78 -9.23
CA ALA A 215 20.56 21.86 -8.31
C ALA A 215 21.47 23.07 -8.52
N ALA A 216 22.77 22.82 -8.66
CA ALA A 216 23.74 23.88 -8.83
C ALA A 216 24.94 23.49 -9.66
N GLY A 217 25.27 24.32 -10.64
CA GLY A 217 26.45 24.08 -11.44
C GLY A 217 26.26 23.81 -12.91
N LYS A 218 27.38 23.40 -13.49
CA LYS A 218 27.45 23.03 -14.90
C LYS A 218 28.61 22.05 -14.99
N ALA A 219 28.37 20.94 -15.69
CA ALA A 219 29.40 19.94 -15.82
C ALA A 219 29.37 19.25 -17.16
N LEU A 220 30.46 18.58 -17.47
CA LEU A 220 30.59 17.85 -18.71
C LEU A 220 30.76 16.39 -18.35
N GLY A 221 30.06 15.51 -19.07
CA GLY A 221 30.20 14.10 -18.82
C GLY A 221 30.14 13.22 -20.06
N ILE A 222 30.49 11.94 -19.86
CA ILE A 222 30.44 10.96 -20.95
C ILE A 222 29.37 9.95 -20.56
N VAL A 223 28.38 9.71 -21.42
CA VAL A 223 27.31 8.76 -21.10
C VAL A 223 27.84 7.35 -20.88
N ALA A 224 27.57 6.79 -19.70
CA ALA A 224 28.02 5.44 -19.36
C ALA A 224 26.98 4.38 -19.77
N THR A 225 25.70 4.61 -19.46
CA THR A 225 24.62 3.67 -19.83
C THR A 225 23.37 4.46 -20.13
N THR A 226 22.46 3.85 -20.85
CA THR A 226 21.25 4.50 -21.26
C THR A 226 20.00 3.58 -21.16
N GLY A 227 18.88 4.02 -21.69
CA GLY A 227 17.66 3.21 -21.62
C GLY A 227 17.40 2.38 -20.36
N VAL A 228 17.07 1.12 -20.60
CA VAL A 228 16.74 0.14 -19.56
C VAL A 228 17.94 -0.28 -18.72
N SER A 229 19.13 0.12 -19.13
CA SER A 229 20.36 -0.25 -18.45
C SER A 229 20.77 0.78 -17.43
N THR A 230 20.04 1.88 -17.43
CA THR A 230 20.32 2.97 -16.53
C THR A 230 19.74 2.60 -15.13
N GLU A 231 20.19 3.25 -14.06
CA GLU A 231 19.69 2.94 -12.71
C GLU A 231 18.16 2.92 -12.61
N ILE A 232 17.53 4.00 -13.01
CA ILE A 232 16.07 4.04 -12.98
C ILE A 232 15.58 2.92 -13.93
N GLY A 233 16.37 2.65 -14.96
CA GLY A 233 16.03 1.62 -15.94
C GLY A 233 16.07 0.22 -15.36
N LYS A 234 17.05 -0.07 -14.51
CA LYS A 234 17.09 -1.39 -13.90
C LYS A 234 15.80 -1.54 -13.10
N ILE A 235 15.47 -0.52 -12.32
CA ILE A 235 14.26 -0.53 -11.51
C ILE A 235 13.03 -0.85 -12.35
N ARG A 236 12.83 -0.13 -13.45
CA ARG A 236 11.65 -0.43 -14.26
C ARG A 236 11.61 -1.92 -14.56
N ASP A 237 12.76 -2.54 -14.77
CA ASP A 237 12.76 -3.96 -15.09
C ASP A 237 12.25 -4.80 -13.94
N GLN A 238 12.76 -4.51 -12.75
CA GLN A 238 12.33 -5.24 -11.55
C GLN A 238 10.83 -5.11 -11.39
N MET A 239 10.32 -3.89 -11.53
CA MET A 239 8.89 -3.66 -11.38
C MET A 239 8.03 -4.36 -12.43
N ALA A 240 8.60 -4.65 -13.59
CA ALA A 240 7.84 -5.30 -14.65
C ALA A 240 7.94 -6.80 -14.45
N ALA A 241 9.10 -7.24 -13.99
CA ALA A 241 9.35 -8.66 -13.74
C ALA A 241 8.45 -9.17 -12.61
N THR A 242 8.10 -8.27 -11.70
CA THR A 242 7.28 -8.64 -10.57
C THR A 242 5.81 -8.86 -10.94
N GLU A 243 5.32 -10.02 -10.53
CA GLU A 243 3.94 -10.43 -10.76
C GLU A 243 3.25 -10.37 -9.41
N GLN A 244 2.00 -9.90 -9.40
CA GLN A 244 1.24 -9.81 -8.15
C GLN A 244 -0.01 -10.70 -8.17
N ASP A 245 -0.10 -11.59 -7.17
CA ASP A 245 -1.19 -12.54 -7.01
C ASP A 245 -2.56 -11.88 -6.82
N LYS A 246 -3.62 -12.66 -7.03
CA LYS A 246 -4.98 -12.17 -6.88
C LYS A 246 -5.34 -12.13 -5.39
N THR A 247 -6.25 -11.21 -5.05
CA THR A 247 -6.72 -11.06 -3.68
C THR A 247 -7.26 -12.43 -3.30
N PRO A 248 -7.04 -12.87 -2.04
CA PRO A 248 -7.53 -14.18 -1.65
C PRO A 248 -9.05 -14.32 -1.83
N LEU A 249 -9.75 -13.20 -1.82
CA LEU A 249 -11.19 -13.25 -2.03
C LEU A 249 -11.42 -13.49 -3.53
N GLN A 250 -10.60 -12.84 -4.36
CA GLN A 250 -10.70 -13.00 -5.81
C GLN A 250 -10.30 -14.42 -6.14
N GLN A 251 -9.45 -15.00 -5.30
CA GLN A 251 -9.01 -16.36 -5.51
C GLN A 251 -10.19 -17.25 -5.17
N LYS A 252 -10.73 -17.06 -3.96
CA LYS A 252 -11.86 -17.85 -3.50
C LYS A 252 -13.07 -17.69 -4.42
N LEU A 253 -13.24 -16.50 -4.97
CA LEU A 253 -14.34 -16.24 -5.88
C LEU A 253 -14.19 -17.01 -7.19
N ASP A 254 -13.01 -16.96 -7.79
CA ASP A 254 -12.77 -17.69 -9.04
C ASP A 254 -13.02 -19.17 -8.80
N GLU A 255 -12.57 -19.63 -7.63
CA GLU A 255 -12.75 -21.02 -7.26
C GLU A 255 -14.25 -21.34 -7.23
N PHE A 256 -15.03 -20.47 -6.57
CA PHE A 256 -16.45 -20.68 -6.49
C PHE A 256 -17.02 -20.92 -7.88
N GLY A 257 -16.74 -20.02 -8.81
CA GLY A 257 -17.23 -20.18 -10.16
C GLY A 257 -16.74 -21.45 -10.84
N GLU A 258 -15.50 -21.85 -10.56
CA GLU A 258 -14.93 -23.06 -11.14
C GLU A 258 -15.73 -24.28 -10.71
N GLN A 259 -16.32 -24.18 -9.52
CA GLN A 259 -17.12 -25.26 -8.97
C GLN A 259 -18.60 -25.04 -9.30
N LEU A 260 -19.04 -23.80 -9.22
CA LEU A 260 -20.43 -23.49 -9.52
C LEU A 260 -20.73 -24.06 -10.89
N SER A 261 -19.73 -24.07 -11.76
CA SER A 261 -19.90 -24.57 -13.11
C SER A 261 -20.10 -26.08 -13.19
N LYS A 262 -19.24 -26.83 -12.52
CA LYS A 262 -19.35 -28.27 -12.55
C LYS A 262 -20.71 -28.73 -12.01
N VAL A 263 -21.12 -28.21 -10.86
CA VAL A 263 -22.39 -28.61 -10.28
C VAL A 263 -23.53 -28.41 -11.27
N ILE A 264 -23.55 -27.24 -11.90
CA ILE A 264 -24.58 -26.94 -12.87
C ILE A 264 -24.70 -28.04 -13.92
N SER A 265 -23.60 -28.31 -14.63
CA SER A 265 -23.63 -29.35 -15.65
C SER A 265 -24.01 -30.69 -15.00
N LEU A 266 -23.51 -30.96 -13.80
CA LEU A 266 -23.85 -32.20 -13.11
C LEU A 266 -25.38 -32.29 -12.97
N ILE A 267 -26.00 -31.20 -12.53
CA ILE A 267 -27.45 -31.18 -12.38
C ILE A 267 -28.08 -31.57 -13.70
N CYS A 268 -27.68 -30.89 -14.77
CA CYS A 268 -28.22 -31.21 -16.09
C CYS A 268 -28.18 -32.70 -16.29
N VAL A 269 -27.02 -33.29 -16.02
CA VAL A 269 -26.85 -34.72 -16.17
C VAL A 269 -27.96 -35.44 -15.40
N ALA A 270 -28.01 -35.19 -14.09
CA ALA A 270 -29.02 -35.81 -13.22
C ALA A 270 -30.44 -35.65 -13.74
N VAL A 271 -30.83 -34.41 -14.05
CA VAL A 271 -32.16 -34.13 -14.56
C VAL A 271 -32.45 -35.07 -15.72
N TRP A 272 -31.57 -35.05 -16.71
CA TRP A 272 -31.70 -35.91 -17.89
C TRP A 272 -32.00 -37.33 -17.46
N LEU A 273 -31.39 -37.78 -16.37
CA LEU A 273 -31.60 -39.13 -15.86
C LEU A 273 -32.94 -39.30 -15.17
N ILE A 274 -33.37 -38.29 -14.42
CA ILE A 274 -34.65 -38.32 -13.71
C ILE A 274 -35.79 -38.43 -14.73
N ASN A 275 -35.51 -37.96 -15.94
CA ASN A 275 -36.49 -38.01 -17.02
C ASN A 275 -35.94 -38.83 -18.17
N ILE A 276 -35.32 -39.95 -17.81
CA ILE A 276 -34.73 -40.87 -18.78
C ILE A 276 -35.81 -41.80 -19.34
N GLY A 277 -36.98 -41.79 -18.68
CA GLY A 277 -38.08 -42.62 -19.10
C GLY A 277 -38.57 -42.23 -20.49
N HIS A 278 -38.42 -40.96 -20.83
CA HIS A 278 -38.85 -40.47 -22.14
C HIS A 278 -38.18 -41.18 -23.31
N PHE A 279 -37.58 -42.33 -23.03
CA PHE A 279 -36.91 -43.15 -24.04
C PHE A 279 -37.68 -44.45 -24.25
N ASN A 280 -38.31 -44.94 -23.19
CA ASN A 280 -39.05 -46.18 -23.29
C ASN A 280 -40.56 -46.07 -23.23
N ASP A 281 -41.10 -44.86 -23.03
CA ASP A 281 -42.56 -44.71 -22.98
C ASP A 281 -43.15 -43.72 -23.98
N PRO A 282 -42.42 -42.64 -24.31
CA PRO A 282 -43.01 -41.70 -25.28
C PRO A 282 -43.13 -42.26 -26.69
N VAL A 283 -44.35 -42.55 -27.09
CA VAL A 283 -44.61 -43.05 -28.43
C VAL A 283 -44.55 -41.82 -29.33
N HIS A 284 -43.73 -41.88 -30.38
CA HIS A 284 -43.59 -40.77 -31.31
C HIS A 284 -44.85 -39.91 -31.43
N GLY A 285 -44.85 -38.77 -30.74
CA GLY A 285 -46.00 -37.89 -30.76
C GLY A 285 -45.62 -36.46 -31.08
N GLY A 286 -46.58 -35.69 -31.58
CA GLY A 286 -46.34 -34.30 -31.94
C GLY A 286 -45.75 -33.40 -30.87
N SER A 287 -46.27 -33.47 -29.65
CA SER A 287 -45.78 -32.64 -28.55
C SER A 287 -44.34 -32.94 -28.18
N TRP A 288 -43.74 -33.93 -28.85
CA TRP A 288 -42.37 -34.32 -28.57
C TRP A 288 -41.35 -33.37 -29.21
N ILE A 289 -41.58 -32.07 -29.03
CA ILE A 289 -40.68 -31.05 -29.56
C ILE A 289 -40.82 -29.85 -28.64
N ARG A 290 -41.99 -29.73 -28.02
CA ARG A 290 -42.25 -28.65 -27.08
C ARG A 290 -41.64 -29.07 -25.75
N GLY A 291 -40.91 -30.17 -25.77
CA GLY A 291 -40.26 -30.67 -24.57
C GLY A 291 -38.83 -30.18 -24.47
N ALA A 292 -38.19 -29.98 -25.62
CA ALA A 292 -36.81 -29.51 -25.66
C ALA A 292 -36.77 -28.06 -25.21
N ILE A 293 -37.80 -27.31 -25.56
CA ILE A 293 -37.90 -25.90 -25.19
C ILE A 293 -37.99 -25.83 -23.66
N TYR A 294 -38.59 -26.86 -23.08
CA TYR A 294 -38.76 -26.96 -21.63
C TYR A 294 -37.39 -27.06 -21.00
N TYR A 295 -36.59 -28.01 -21.48
CA TYR A 295 -35.26 -28.22 -20.94
C TYR A 295 -34.35 -27.03 -21.18
N PHE A 296 -34.48 -26.39 -22.33
CA PHE A 296 -33.65 -25.25 -22.62
C PHE A 296 -34.03 -24.03 -21.77
N LYS A 297 -35.31 -23.67 -21.75
CA LYS A 297 -35.75 -22.52 -20.97
C LYS A 297 -35.65 -22.77 -19.47
N ILE A 298 -35.39 -24.01 -19.09
CA ILE A 298 -35.24 -24.35 -17.69
C ILE A 298 -33.76 -24.29 -17.37
N ALA A 299 -32.95 -24.37 -18.43
CA ALA A 299 -31.50 -24.33 -18.31
C ALA A 299 -31.12 -22.89 -17.97
N VAL A 300 -31.77 -21.93 -18.61
CA VAL A 300 -31.46 -20.52 -18.34
C VAL A 300 -31.96 -20.16 -16.94
N ALA A 301 -33.01 -20.85 -16.49
CA ALA A 301 -33.54 -20.60 -15.16
C ALA A 301 -32.49 -21.13 -14.20
N LEU A 302 -31.93 -22.28 -14.52
CA LEU A 302 -30.90 -22.90 -13.70
C LEU A 302 -29.68 -22.01 -13.59
N ALA A 303 -29.35 -21.33 -14.68
CA ALA A 303 -28.20 -20.45 -14.74
C ALA A 303 -28.33 -19.17 -13.92
N VAL A 304 -29.37 -18.38 -14.16
CA VAL A 304 -29.53 -17.13 -13.39
C VAL A 304 -29.81 -17.47 -11.93
N ALA A 305 -30.24 -18.70 -11.70
CA ALA A 305 -30.55 -19.19 -10.36
C ALA A 305 -29.30 -19.55 -9.58
N ALA A 306 -28.25 -19.96 -10.28
CA ALA A 306 -27.01 -20.36 -9.63
C ALA A 306 -26.01 -19.24 -9.40
N ILE A 307 -26.14 -18.15 -10.15
CA ILE A 307 -25.20 -17.04 -10.03
C ILE A 307 -25.63 -15.85 -9.19
N PRO A 308 -24.74 -15.40 -8.30
CA PRO A 308 -25.07 -14.25 -7.46
C PRO A 308 -24.83 -12.99 -8.28
N GLU A 309 -25.72 -12.72 -9.23
CA GLU A 309 -25.62 -11.57 -10.12
C GLU A 309 -25.33 -10.22 -9.42
N GLY A 310 -26.01 -9.99 -8.29
CA GLY A 310 -25.84 -8.74 -7.55
C GLY A 310 -24.59 -8.63 -6.70
N LEU A 311 -24.01 -9.77 -6.35
CA LEU A 311 -22.80 -9.79 -5.52
C LEU A 311 -21.74 -8.76 -5.92
N PRO A 312 -21.31 -8.74 -7.19
CA PRO A 312 -20.30 -7.80 -7.67
C PRO A 312 -20.54 -6.35 -7.23
N ALA A 313 -21.77 -5.88 -7.43
CA ALA A 313 -22.12 -4.51 -7.06
C ALA A 313 -22.12 -4.29 -5.54
N VAL A 314 -22.62 -5.27 -4.79
CA VAL A 314 -22.67 -5.15 -3.34
C VAL A 314 -21.26 -4.93 -2.82
N ILE A 315 -20.36 -5.80 -3.27
CA ILE A 315 -18.96 -5.74 -2.86
C ILE A 315 -18.27 -4.43 -3.18
N THR A 316 -18.41 -3.93 -4.40
CA THR A 316 -17.71 -2.69 -4.71
C THR A 316 -18.34 -1.51 -3.99
N THR A 317 -19.66 -1.51 -3.87
CA THR A 317 -20.32 -0.42 -3.17
C THR A 317 -19.87 -0.47 -1.71
N CYS A 318 -19.55 -1.66 -1.21
CA CYS A 318 -19.10 -1.79 0.16
C CYS A 318 -17.69 -1.25 0.31
N LEU A 319 -16.78 -1.74 -0.52
CA LEU A 319 -15.38 -1.33 -0.53
C LEU A 319 -15.23 0.16 -0.80
N ALA A 320 -15.97 0.70 -1.75
CA ALA A 320 -15.90 2.13 -2.06
C ALA A 320 -16.23 2.94 -0.82
N LEU A 321 -17.28 2.52 -0.11
CA LEU A 321 -17.66 3.21 1.11
C LEU A 321 -16.52 3.08 2.11
N GLY A 322 -16.05 1.85 2.34
CA GLY A 322 -14.95 1.64 3.26
C GLY A 322 -13.75 2.49 2.88
N THR A 323 -13.60 2.70 1.57
CA THR A 323 -12.50 3.51 1.06
C THR A 323 -12.64 4.92 1.58
N ARG A 324 -13.71 5.59 1.14
CA ARG A 324 -13.97 6.96 1.56
C ARG A 324 -13.87 7.06 3.07
N ARG A 325 -14.21 5.96 3.75
CA ARG A 325 -14.18 5.90 5.20
C ARG A 325 -12.74 5.98 5.70
N MET A 326 -11.89 5.08 5.23
CA MET A 326 -10.49 5.04 5.63
C MET A 326 -9.79 6.38 5.34
N ALA A 327 -10.28 7.05 4.31
CA ALA A 327 -9.75 8.34 3.90
C ALA A 327 -9.83 9.34 5.04
N LYS A 328 -10.99 9.42 5.70
CA LYS A 328 -11.17 10.33 6.81
C LYS A 328 -10.14 10.05 7.91
N LYS A 329 -9.66 8.81 7.96
CA LYS A 329 -8.65 8.40 8.93
C LYS A 329 -7.25 8.50 8.35
N ASN A 330 -7.09 9.33 7.32
CA ASN A 330 -5.79 9.53 6.67
C ASN A 330 -5.22 8.35 5.91
N ALA A 331 -6.02 7.31 5.68
CA ALA A 331 -5.51 6.16 4.94
C ALA A 331 -6.07 6.16 3.53
N ILE A 332 -5.31 6.69 2.60
CA ILE A 332 -5.75 6.72 1.22
C ILE A 332 -5.49 5.38 0.55
N VAL A 333 -6.55 4.64 0.30
CA VAL A 333 -6.41 3.34 -0.34
C VAL A 333 -6.63 3.46 -1.84
N ARG A 334 -5.76 2.81 -2.59
CA ARG A 334 -5.86 2.79 -4.03
C ARG A 334 -6.17 1.33 -4.31
N SER A 335 -7.06 1.05 -5.25
CA SER A 335 -7.40 -0.34 -5.53
C SER A 335 -8.25 -0.90 -4.39
N LEU A 336 -9.57 -0.91 -4.61
CA LEU A 336 -10.51 -1.40 -3.63
C LEU A 336 -10.18 -2.81 -3.11
N PRO A 337 -9.88 -3.76 -4.01
CA PRO A 337 -9.58 -5.13 -3.57
C PRO A 337 -8.57 -5.21 -2.43
N SER A 338 -7.69 -4.22 -2.34
CA SER A 338 -6.66 -4.23 -1.31
C SER A 338 -7.23 -4.16 0.10
N VAL A 339 -8.38 -3.54 0.25
CA VAL A 339 -9.00 -3.44 1.56
C VAL A 339 -8.98 -4.79 2.29
N GLU A 340 -9.30 -5.85 1.57
CA GLU A 340 -9.30 -7.17 2.17
C GLU A 340 -7.90 -7.56 2.63
N THR A 341 -7.00 -7.76 1.68
CA THR A 341 -5.63 -8.15 1.96
C THR A 341 -5.00 -7.30 3.05
N LEU A 342 -5.44 -6.05 3.15
CA LEU A 342 -4.92 -5.18 4.17
C LEU A 342 -5.36 -5.76 5.51
N GLY A 343 -6.63 -6.14 5.58
CA GLY A 343 -7.17 -6.71 6.80
C GLY A 343 -6.41 -7.94 7.27
N CYS A 344 -5.74 -8.64 6.34
CA CYS A 344 -5.02 -9.84 6.70
C CYS A 344 -3.51 -9.67 6.90
N THR A 345 -3.01 -8.44 6.88
CA THR A 345 -1.58 -8.25 7.05
C THR A 345 -1.02 -8.97 8.26
N SER A 346 -0.06 -9.85 7.98
CA SER A 346 0.62 -10.67 8.95
C SER A 346 1.82 -9.86 9.49
N VAL A 347 2.60 -9.24 8.59
CA VAL A 347 3.76 -8.45 8.99
C VAL A 347 3.79 -7.04 8.38
N ILE A 348 4.25 -6.06 9.16
CA ILE A 348 4.37 -4.67 8.72
C ILE A 348 5.80 -4.15 8.86
N CYS A 349 6.45 -3.87 7.74
CA CYS A 349 7.80 -3.32 7.75
C CYS A 349 7.63 -1.83 7.62
N SER A 350 8.08 -1.08 8.61
CA SER A 350 7.95 0.36 8.53
C SER A 350 9.26 1.10 8.62
N ASP A 351 9.43 2.08 7.74
CA ASP A 351 10.62 2.92 7.80
C ASP A 351 10.45 3.69 9.10
N LYS A 352 11.55 3.96 9.77
CA LYS A 352 11.48 4.68 11.03
C LYS A 352 11.25 6.19 11.00
N THR A 353 12.33 6.95 10.82
CA THR A 353 12.25 8.42 10.87
C THR A 353 11.04 9.14 10.31
N GLY A 354 10.66 8.86 9.08
CA GLY A 354 9.49 9.58 8.60
C GLY A 354 8.18 9.28 9.33
N THR A 355 7.92 8.00 9.50
CA THR A 355 6.68 7.52 10.06
C THR A 355 6.63 7.08 11.51
N LEU A 356 7.63 6.33 11.99
CA LEU A 356 7.61 5.90 13.39
C LEU A 356 7.94 7.10 14.28
N THR A 357 8.85 7.94 13.82
CA THR A 357 9.21 9.13 14.58
C THR A 357 8.61 10.35 13.92
N THR A 358 9.09 11.52 14.28
CA THR A 358 8.53 12.75 13.72
C THR A 358 9.47 13.45 12.77
N ASN A 359 10.75 13.13 12.85
CA ASN A 359 11.75 13.74 12.00
C ASN A 359 11.87 15.21 12.41
N GLN A 360 11.63 15.44 13.69
CA GLN A 360 11.77 16.76 14.30
C GLN A 360 12.88 16.57 15.33
N MET A 361 14.07 17.00 14.97
CA MET A 361 15.23 16.86 15.84
C MET A 361 15.37 18.03 16.82
N SER A 362 16.12 17.80 17.88
CA SER A 362 16.41 18.79 18.91
C SER A 362 17.46 18.20 19.85
N VAL A 363 18.50 18.98 20.14
CA VAL A 363 19.57 18.55 21.02
C VAL A 363 19.12 18.57 22.47
N CYS A 364 19.30 17.45 23.16
CA CYS A 364 18.90 17.32 24.56
C CYS A 364 20.07 17.31 25.52
N LYS A 365 21.22 16.88 25.02
CA LYS A 365 22.40 16.83 25.87
C LYS A 365 23.68 17.24 25.14
N MET A 366 24.55 17.94 25.87
CA MET A 366 25.86 18.39 25.38
C MET A 366 26.77 17.95 26.49
N PHE A 367 28.05 18.01 26.21
CA PHE A 367 29.02 17.67 27.21
C PHE A 367 30.37 18.05 26.65
N ILE A 368 31.16 18.73 27.48
CA ILE A 368 32.47 19.17 27.09
C ILE A 368 33.39 18.68 28.15
N ILE A 369 34.67 18.51 27.83
CA ILE A 369 35.63 18.06 28.82
C ILE A 369 35.82 19.22 29.78
N ASP A 370 35.67 18.91 31.07
CA ASP A 370 35.79 19.87 32.15
C ASP A 370 37.21 19.82 32.73
N LYS A 371 37.69 18.61 32.97
CA LYS A 371 39.00 18.45 33.55
C LYS A 371 39.69 17.15 33.18
N VAL A 372 40.99 17.24 32.89
CA VAL A 372 41.77 16.05 32.57
C VAL A 372 43.03 16.22 33.36
N ASP A 373 43.33 15.25 34.20
CA ASP A 373 44.50 15.32 35.05
C ASP A 373 44.75 13.91 35.53
N GLY A 374 45.86 13.33 35.08
CA GLY A 374 46.19 11.97 35.45
C GLY A 374 45.13 11.05 34.90
N ASP A 375 44.67 10.13 35.73
CA ASP A 375 43.64 9.21 35.31
C ASP A 375 42.30 9.81 35.66
N PHE A 376 42.37 10.90 36.43
CA PHE A 376 41.19 11.61 36.87
C PHE A 376 40.63 12.38 35.68
N CYS A 377 39.36 12.17 35.41
CA CYS A 377 38.72 12.84 34.31
C CYS A 377 37.35 13.36 34.74
N SER A 378 36.99 14.53 34.23
CA SER A 378 35.73 15.16 34.58
C SER A 378 35.07 15.83 33.37
N LEU A 379 33.84 15.43 33.08
CA LEU A 379 33.10 15.99 31.96
C LEU A 379 32.31 17.20 32.38
N ASN A 380 31.33 17.56 31.56
CA ASN A 380 30.50 18.69 31.89
C ASN A 380 29.18 18.58 31.16
N GLU A 381 28.44 17.54 31.54
CA GLU A 381 27.15 17.25 30.97
C GLU A 381 26.17 18.38 31.17
N PHE A 382 25.29 18.55 30.18
CA PHE A 382 24.25 19.57 30.23
C PHE A 382 22.95 18.97 29.74
N SER A 383 21.93 19.79 29.69
CA SER A 383 20.64 19.35 29.26
C SER A 383 20.03 20.56 28.60
N ILE A 384 19.14 20.36 27.66
CA ILE A 384 18.54 21.48 26.96
C ILE A 384 17.05 21.20 26.84
N THR A 385 16.24 22.24 26.73
CA THR A 385 14.81 22.07 26.62
C THR A 385 14.32 22.70 25.32
N GLY A 386 13.12 22.30 24.91
CA GLY A 386 12.53 22.80 23.67
C GLY A 386 12.60 21.74 22.58
N SER A 387 11.46 21.22 22.18
CA SER A 387 11.42 20.19 21.14
C SER A 387 11.35 20.82 19.75
N THR A 388 10.71 21.96 19.62
CA THR A 388 10.61 22.62 18.33
C THR A 388 11.95 23.22 17.93
N TYR A 389 12.06 23.62 16.67
CA TYR A 389 13.29 24.24 16.20
C TYR A 389 13.22 25.68 16.71
N ALA A 390 12.19 25.95 17.50
CA ALA A 390 11.96 27.26 18.08
C ALA A 390 13.05 27.62 19.08
N PRO A 391 13.65 28.81 18.92
CA PRO A 391 14.72 29.29 19.80
C PRO A 391 14.18 29.61 21.18
N GLU A 392 13.54 28.63 21.80
CA GLU A 392 12.94 28.82 23.11
C GLU A 392 13.27 27.63 24.02
N GLY A 393 14.14 27.89 25.01
CA GLY A 393 14.52 26.83 25.94
C GLY A 393 15.77 27.21 26.70
N GLU A 394 16.14 26.40 27.68
CA GLU A 394 17.33 26.71 28.44
C GLU A 394 18.26 25.53 28.62
N VAL A 395 19.52 25.86 28.90
CA VAL A 395 20.55 24.87 29.11
C VAL A 395 20.68 24.72 30.62
N LEU A 396 20.71 23.49 31.10
CA LEU A 396 20.80 23.25 32.53
C LEU A 396 21.87 22.25 32.96
N LYS A 397 22.39 22.42 34.17
CA LYS A 397 23.39 21.52 34.74
C LYS A 397 22.75 21.04 36.04
N ASN A 398 22.39 19.76 36.09
CA ASN A 398 21.74 19.18 37.24
C ASN A 398 20.37 19.83 37.40
N ASP A 399 19.72 20.06 36.27
CA ASP A 399 18.40 20.66 36.20
C ASP A 399 18.37 22.15 36.52
N LYS A 400 19.55 22.71 36.82
CA LYS A 400 19.64 24.12 37.13
C LYS A 400 20.07 24.93 35.91
N PRO A 401 19.24 25.90 35.49
CA PRO A 401 19.54 26.75 34.33
C PRO A 401 20.93 27.38 34.43
N ILE A 402 21.57 27.56 33.27
CA ILE A 402 22.90 28.14 33.23
C ILE A 402 23.14 29.09 32.07
N ARG A 403 24.16 29.92 32.24
CA ARG A 403 24.58 30.90 31.25
C ARG A 403 25.70 30.19 30.50
N SER A 404 25.40 29.78 29.27
CA SER A 404 26.35 29.06 28.43
C SER A 404 27.74 29.71 28.39
N GLY A 405 27.75 31.04 28.33
CA GLY A 405 29.01 31.78 28.27
C GLY A 405 30.04 31.50 29.34
N GLN A 406 29.59 31.27 30.57
CA GLN A 406 30.48 30.98 31.69
C GLN A 406 31.40 29.77 31.40
N PHE A 407 31.19 29.16 30.25
CA PHE A 407 31.98 28.00 29.86
C PHE A 407 32.69 28.23 28.54
N ASP A 408 33.98 27.92 28.51
CA ASP A 408 34.73 28.13 27.27
C ASP A 408 34.37 27.04 26.29
N GLY A 409 34.74 25.80 26.63
CA GLY A 409 34.43 24.68 25.76
C GLY A 409 33.10 24.86 25.05
N LEU A 410 32.13 25.48 25.70
CA LEU A 410 30.82 25.67 25.08
C LEU A 410 30.82 26.71 23.98
N VAL A 411 31.46 27.84 24.22
CA VAL A 411 31.51 28.89 23.19
C VAL A 411 31.99 28.27 21.87
N GLU A 412 32.93 27.33 21.97
CA GLU A 412 33.47 26.66 20.80
C GLU A 412 32.41 25.71 20.23
N LEU A 413 32.02 24.73 21.06
CA LEU A 413 30.97 23.77 20.72
C LEU A 413 29.90 24.52 19.94
N ALA A 414 29.63 25.73 20.40
CA ALA A 414 28.63 26.59 19.79
C ALA A 414 29.09 27.12 18.42
N THR A 415 30.32 27.58 18.33
CA THR A 415 30.81 28.13 17.07
C THR A 415 30.76 27.04 16.01
N ILE A 416 31.23 25.85 16.37
CA ILE A 416 31.23 24.70 15.46
C ILE A 416 29.81 24.37 15.01
N CYS A 417 28.90 24.19 15.96
CA CYS A 417 27.52 23.88 15.62
C CYS A 417 26.99 24.92 14.67
N ALA A 418 27.51 26.14 14.75
CA ALA A 418 27.05 27.22 13.88
C ALA A 418 27.78 27.34 12.54
N LEU A 419 29.09 27.11 12.55
CA LEU A 419 29.85 27.25 11.32
C LEU A 419 29.83 26.01 10.42
N CYS A 420 30.01 24.85 11.04
CA CYS A 420 30.03 23.58 10.33
C CYS A 420 28.61 23.06 10.17
N ASN A 421 27.75 23.93 9.62
CA ASN A 421 26.32 23.64 9.43
C ASN A 421 25.85 24.31 8.11
N ASP A 422 25.15 23.58 7.24
CA ASP A 422 24.67 24.20 5.99
C ASP A 422 23.16 24.40 6.07
N SER A 423 22.63 24.49 7.28
CA SER A 423 21.21 24.67 7.48
C SER A 423 20.94 25.94 8.24
N SER A 424 19.65 26.31 8.31
CA SER A 424 19.26 27.53 9.01
C SER A 424 17.80 27.50 9.43
N LEU A 425 17.41 28.49 10.21
CA LEU A 425 16.04 28.60 10.68
C LEU A 425 15.35 29.72 9.93
N ASP A 426 14.03 29.70 9.98
CA ASP A 426 13.21 30.71 9.32
C ASP A 426 11.85 30.76 10.01
N PHE A 427 11.39 31.97 10.29
CA PHE A 427 10.09 32.15 10.93
C PHE A 427 9.08 32.61 9.90
N ASN A 428 7.97 31.90 9.79
CA ASN A 428 6.94 32.26 8.83
C ASN A 428 5.77 32.98 9.51
N GLU A 429 5.10 33.85 8.76
CA GLU A 429 3.98 34.60 9.29
C GLU A 429 2.67 33.85 9.07
N THR A 430 2.57 33.20 7.92
CA THR A 430 1.36 32.44 7.58
C THR A 430 0.85 31.59 8.76
N LYS A 431 1.73 30.77 9.35
CA LYS A 431 1.33 29.94 10.47
C LYS A 431 2.15 30.19 11.74
N GLY A 432 2.77 31.37 11.80
CA GLY A 432 3.56 31.76 12.96
C GLY A 432 4.41 30.69 13.63
N VAL A 433 4.97 29.78 12.83
CA VAL A 433 5.80 28.71 13.36
C VAL A 433 7.22 28.77 12.80
N TYR A 434 8.19 28.37 13.62
CA TYR A 434 9.58 28.34 13.22
C TYR A 434 9.79 27.06 12.41
N GLU A 435 10.23 27.21 11.16
CA GLU A 435 10.43 26.07 10.28
C GLU A 435 11.89 25.78 9.91
N LYS A 436 12.21 24.49 9.82
CA LYS A 436 13.53 24.02 9.47
C LYS A 436 13.85 24.40 8.02
N VAL A 437 15.05 24.93 7.78
CA VAL A 437 15.42 25.26 6.42
C VAL A 437 16.21 24.09 5.84
N GLY A 438 17.45 23.91 6.29
CA GLY A 438 18.28 22.82 5.76
C GLY A 438 17.84 21.42 6.14
N GLU A 439 18.76 20.64 6.69
CA GLU A 439 18.46 19.28 7.10
C GLU A 439 18.08 19.25 8.57
N ALA A 440 17.18 18.35 8.92
CA ALA A 440 16.69 18.21 10.29
C ALA A 440 17.74 18.16 11.38
N THR A 441 18.79 17.36 11.21
CA THR A 441 19.80 17.27 12.25
C THR A 441 20.69 18.49 12.32
N GLU A 442 20.70 19.28 11.24
CA GLU A 442 21.50 20.50 11.23
C GLU A 442 20.67 21.66 11.72
N THR A 443 19.51 21.83 11.10
CA THR A 443 18.62 22.91 11.49
C THR A 443 18.43 22.84 13.00
N ALA A 444 18.65 21.67 13.58
CA ALA A 444 18.53 21.53 15.02
C ALA A 444 19.76 22.20 15.61
N LEU A 445 20.95 21.78 15.18
CA LEU A 445 22.18 22.35 15.70
C LEU A 445 22.14 23.88 15.76
N THR A 446 21.39 24.50 14.87
CA THR A 446 21.32 25.94 14.89
C THR A 446 20.43 26.34 16.08
N THR A 447 19.34 25.59 16.28
CA THR A 447 18.43 25.85 17.38
C THR A 447 19.22 25.76 18.68
N LEU A 448 20.15 24.80 18.73
CA LEU A 448 20.95 24.63 19.92
C LEU A 448 21.72 25.92 20.17
N VAL A 449 22.16 26.53 19.09
CA VAL A 449 22.92 27.77 19.14
C VAL A 449 22.14 28.94 19.73
N GLU A 450 20.93 29.17 19.22
CA GLU A 450 20.11 30.26 19.72
C GLU A 450 19.80 30.10 21.20
N LYS A 451 19.45 28.88 21.61
CA LYS A 451 19.11 28.64 22.99
C LYS A 451 20.27 28.76 23.95
N MET A 452 21.49 28.81 23.43
CA MET A 452 22.66 28.95 24.29
C MET A 452 23.55 30.10 23.82
N ASN A 453 22.94 31.24 23.45
CA ASN A 453 23.74 32.36 22.93
C ASN A 453 24.88 32.73 23.88
N VAL A 454 25.98 32.03 23.64
CA VAL A 454 27.22 32.09 24.38
C VAL A 454 27.67 33.48 24.80
N PHE A 455 27.53 34.44 23.89
CA PHE A 455 27.94 35.81 24.16
C PHE A 455 26.97 36.65 24.99
N ASN A 456 25.74 36.16 25.14
CA ASN A 456 24.72 36.87 25.91
C ASN A 456 24.15 38.06 25.13
N THR A 457 24.33 38.03 23.82
CA THR A 457 23.83 39.13 23.01
C THR A 457 22.33 39.32 23.14
N GLU A 458 21.91 40.58 23.14
CA GLU A 458 20.51 40.95 23.29
C GLU A 458 19.62 40.51 22.14
N VAL A 459 18.67 39.62 22.42
CA VAL A 459 17.77 39.14 21.39
C VAL A 459 16.30 39.40 21.70
N ARG A 460 15.95 39.44 22.98
CA ARG A 460 14.57 39.68 23.39
C ARG A 460 14.02 40.99 22.83
N ASN A 461 14.92 41.91 22.49
CA ASN A 461 14.55 43.20 21.93
C ASN A 461 14.45 43.09 20.41
N LEU A 462 14.37 41.86 19.92
CA LEU A 462 14.29 41.62 18.49
C LEU A 462 13.03 40.84 18.10
N SER A 463 12.58 41.04 16.86
CA SER A 463 11.39 40.36 16.35
C SER A 463 11.71 38.88 16.16
N LYS A 464 10.70 38.08 15.89
CA LYS A 464 10.90 36.66 15.69
C LYS A 464 11.65 36.34 14.40
N VAL A 465 11.29 37.05 13.33
CA VAL A 465 11.91 36.84 12.02
C VAL A 465 13.41 37.10 11.99
N GLU A 466 14.00 37.40 13.14
CA GLU A 466 15.44 37.65 13.21
C GLU A 466 16.00 36.91 14.41
N ARG A 467 15.12 36.66 15.38
CA ARG A 467 15.47 35.94 16.59
C ARG A 467 15.98 34.55 16.22
N ALA A 468 15.53 34.07 15.06
CA ALA A 468 15.89 32.75 14.57
C ALA A 468 17.38 32.59 14.31
N ASN A 469 17.96 33.52 13.55
CA ASN A 469 19.37 33.44 13.22
C ASN A 469 20.20 34.58 13.86
N ALA A 470 19.85 34.93 15.09
CA ALA A 470 20.54 36.00 15.80
C ALA A 470 21.91 35.58 16.34
N CYS A 471 21.92 34.59 17.23
CA CYS A 471 23.18 34.13 17.83
C CYS A 471 24.01 33.36 16.82
N ASN A 472 23.33 32.78 15.83
CA ASN A 472 24.00 32.02 14.79
C ASN A 472 24.72 33.00 13.88
N SER A 473 24.06 34.12 13.59
CA SER A 473 24.65 35.14 12.74
C SER A 473 25.86 35.80 13.39
N VAL A 474 25.79 36.06 14.69
CA VAL A 474 26.90 36.68 15.38
C VAL A 474 28.16 35.85 15.23
N ILE A 475 28.04 34.54 15.42
CA ILE A 475 29.19 33.66 15.30
C ILE A 475 29.76 33.70 13.88
N ARG A 476 28.88 33.84 12.88
CA ARG A 476 29.31 33.88 11.49
C ARG A 476 30.11 35.15 11.19
N GLN A 477 30.11 36.08 12.13
CA GLN A 477 30.83 37.33 11.95
C GLN A 477 32.15 37.40 12.69
N LEU A 478 32.53 36.30 13.32
CA LEU A 478 33.77 36.24 14.09
C LEU A 478 34.76 35.32 13.37
N MET A 479 34.24 34.59 12.39
CA MET A 479 35.02 33.65 11.59
C MET A 479 34.57 33.72 10.14
N LYS A 480 35.50 33.49 9.24
CA LYS A 480 35.22 33.51 7.81
C LYS A 480 35.21 32.08 7.30
N LYS A 481 34.12 31.68 6.65
CA LYS A 481 34.00 30.33 6.11
C LYS A 481 34.58 30.21 4.71
N GLU A 482 35.89 29.95 4.65
CA GLU A 482 36.62 29.82 3.38
C GLU A 482 35.94 28.81 2.44
N PHE A 483 35.74 27.60 2.93
CA PHE A 483 35.13 26.54 2.15
C PHE A 483 34.78 25.42 3.11
N THR A 484 34.04 24.43 2.63
CA THR A 484 33.69 23.30 3.48
C THR A 484 33.91 21.96 2.79
N LEU A 485 34.46 21.02 3.54
CA LEU A 485 34.71 19.66 3.06
C LEU A 485 33.42 18.89 3.38
N GLU A 486 32.56 18.70 2.38
CA GLU A 486 31.29 18.02 2.61
C GLU A 486 31.38 16.61 3.19
N PHE A 487 30.24 16.19 3.74
CA PHE A 487 30.08 14.89 4.39
C PHE A 487 30.08 13.72 3.38
N SER A 488 30.66 12.60 3.80
CA SER A 488 30.69 11.40 2.98
C SER A 488 30.70 10.19 3.91
N ARG A 489 29.90 9.19 3.57
CA ARG A 489 29.78 7.99 4.38
C ARG A 489 31.07 7.22 4.67
N ASP A 490 32.18 7.56 4.04
CA ASP A 490 33.40 6.82 4.38
C ASP A 490 33.92 7.33 5.71
N ARG A 491 34.15 8.64 5.79
CA ARG A 491 34.68 9.23 7.00
C ARG A 491 33.58 9.65 7.97
N LYS A 492 32.33 9.52 7.52
CA LYS A 492 31.19 9.85 8.38
C LYS A 492 31.36 11.17 9.12
N SER A 493 31.68 12.24 8.40
CA SER A 493 31.87 13.54 9.04
C SER A 493 31.94 14.67 8.05
N MET A 494 32.10 15.88 8.57
CA MET A 494 32.20 17.07 7.73
C MET A 494 32.94 18.19 8.45
N SER A 495 33.64 19.02 7.67
CA SER A 495 34.37 20.14 8.24
C SER A 495 34.16 21.40 7.44
N VAL A 496 34.65 22.51 7.97
CA VAL A 496 34.56 23.80 7.31
C VAL A 496 35.86 24.52 7.63
N TYR A 497 36.51 25.05 6.60
CA TYR A 497 37.76 25.77 6.78
C TYR A 497 37.38 27.21 7.08
N CYS A 498 38.01 27.80 8.08
CA CYS A 498 37.70 29.17 8.47
C CYS A 498 38.91 30.01 8.84
N SER A 499 38.77 31.32 8.59
CA SER A 499 39.79 32.31 8.92
C SER A 499 39.03 33.36 9.72
N PRO A 500 39.70 34.03 10.66
CA PRO A 500 39.03 35.05 11.47
C PRO A 500 38.76 36.35 10.75
N ALA A 501 38.26 37.31 11.49
CA ALA A 501 38.00 38.63 10.95
C ALA A 501 39.19 39.45 11.50
N LYS A 502 40.06 39.88 10.59
CA LYS A 502 41.28 40.62 10.94
C LYS A 502 41.18 41.49 12.19
N SER A 503 42.16 41.32 13.08
CA SER A 503 42.28 42.05 14.34
C SER A 503 41.18 41.82 15.38
N SER A 504 40.23 40.91 15.09
CA SER A 504 39.13 40.64 16.03
C SER A 504 39.25 39.27 16.71
N ARG A 505 39.81 38.32 15.98
CA ARG A 505 40.00 36.97 16.48
C ARG A 505 41.12 36.26 15.72
N ALA A 506 42.12 37.02 15.27
CA ALA A 506 43.23 36.45 14.52
C ALA A 506 44.35 35.89 15.40
N ALA A 507 44.03 35.55 16.64
CA ALA A 507 45.03 35.00 17.57
C ALA A 507 45.80 33.86 16.92
N VAL A 508 45.07 32.84 16.46
CA VAL A 508 45.69 31.70 15.80
C VAL A 508 45.27 31.68 14.33
N GLY A 509 44.22 32.44 14.02
CA GLY A 509 43.75 32.51 12.66
C GLY A 509 43.01 31.28 12.18
N ASN A 510 43.39 30.81 10.99
CA ASN A 510 42.77 29.66 10.35
C ASN A 510 42.51 28.42 11.19
N LYS A 511 41.24 28.05 11.26
CA LYS A 511 40.79 26.90 12.03
C LYS A 511 39.94 25.97 11.16
N MET A 512 39.74 24.76 11.63
CA MET A 512 38.92 23.79 10.91
C MET A 512 37.90 23.17 11.88
N PHE A 513 36.62 23.36 11.58
CA PHE A 513 35.55 22.84 12.43
C PHE A 513 34.85 21.59 11.89
N VAL A 514 35.06 20.47 12.56
CA VAL A 514 34.47 19.22 12.11
C VAL A 514 33.48 18.52 13.07
N LYS A 515 32.36 18.08 12.50
CA LYS A 515 31.33 17.36 13.23
C LYS A 515 31.07 16.05 12.49
N GLY A 516 30.57 15.04 13.20
CA GLY A 516 30.28 13.76 12.59
C GLY A 516 30.12 12.64 13.61
N ALA A 517 29.86 11.42 13.13
CA ALA A 517 29.70 10.26 14.00
C ALA A 517 30.87 10.26 14.97
N PRO A 518 30.61 9.97 16.24
CA PRO A 518 31.66 9.96 17.26
C PRO A 518 32.93 9.15 16.98
N GLU A 519 32.74 7.84 16.73
CA GLU A 519 33.83 6.90 16.48
C GLU A 519 34.92 7.48 15.60
N GLY A 520 34.55 7.84 14.36
CA GLY A 520 35.49 8.43 13.43
C GLY A 520 36.24 9.64 13.98
N VAL A 521 35.52 10.75 14.18
CA VAL A 521 36.13 11.97 14.70
C VAL A 521 37.00 11.75 15.92
N ILE A 522 36.51 11.02 16.92
CA ILE A 522 37.29 10.82 18.13
C ILE A 522 38.61 10.15 17.83
N ASP A 523 38.62 9.13 16.97
CA ASP A 523 39.88 8.46 16.66
C ASP A 523 40.82 9.46 16.01
N ARG A 524 40.24 10.39 15.27
CA ARG A 524 41.03 11.40 14.59
C ARG A 524 41.37 12.60 15.46
N CYS A 525 41.25 12.42 16.78
CA CYS A 525 41.57 13.48 17.73
C CYS A 525 42.81 13.10 18.53
N ASN A 526 43.82 13.97 18.51
CA ASN A 526 45.03 13.72 19.27
C ASN A 526 45.04 14.58 20.53
N TYR A 527 44.06 15.47 20.66
CA TYR A 527 43.96 16.36 21.81
C TYR A 527 42.52 16.56 22.20
N VAL A 528 42.29 16.93 23.46
CA VAL A 528 40.95 17.19 23.98
C VAL A 528 40.96 18.64 24.47
N ARG A 529 39.87 19.36 24.29
CA ARG A 529 39.89 20.72 24.82
C ARG A 529 39.17 20.87 26.16
N VAL A 530 39.87 21.51 27.09
CA VAL A 530 39.36 21.77 28.41
C VAL A 530 39.26 23.30 28.53
N GLY A 531 38.16 23.86 28.04
CA GLY A 531 37.99 25.29 28.11
C GLY A 531 38.77 25.98 27.01
N THR A 532 39.79 26.72 27.40
CA THR A 532 40.63 27.45 26.46
C THR A 532 41.94 26.72 26.27
N THR A 533 42.25 25.86 27.21
CA THR A 533 43.49 25.11 27.11
C THR A 533 43.25 23.79 26.35
N ARG A 534 44.32 23.12 25.94
CA ARG A 534 44.20 21.84 25.24
C ARG A 534 45.18 20.88 25.90
N VAL A 535 44.86 19.60 25.84
CA VAL A 535 45.70 18.60 26.47
C VAL A 535 45.71 17.39 25.55
N PRO A 536 46.83 16.66 25.53
CA PRO A 536 46.89 15.47 24.67
C PRO A 536 45.84 14.46 25.06
N MET A 537 45.12 13.95 24.08
CA MET A 537 44.10 12.94 24.32
C MET A 537 44.78 11.78 25.01
N THR A 538 44.13 11.19 26.01
CA THR A 538 44.72 10.06 26.70
C THR A 538 43.72 8.93 26.83
N GLY A 539 44.22 7.73 27.13
CA GLY A 539 43.37 6.56 27.27
C GLY A 539 42.09 6.77 28.08
N PRO A 540 42.19 7.16 29.36
CA PRO A 540 41.02 7.38 30.20
C PRO A 540 40.01 8.38 29.63
N VAL A 541 40.46 9.58 29.33
CA VAL A 541 39.58 10.61 28.78
C VAL A 541 38.80 10.06 27.59
N LYS A 542 39.45 9.25 26.77
CA LYS A 542 38.79 8.68 25.61
C LYS A 542 37.70 7.72 26.04
N GLU A 543 38.05 6.83 26.97
CA GLU A 543 37.11 5.86 27.48
C GLU A 543 35.90 6.57 28.04
N LYS A 544 36.13 7.57 28.87
CA LYS A 544 35.04 8.31 29.46
C LYS A 544 34.15 8.86 28.35
N ILE A 545 34.75 9.62 27.41
CA ILE A 545 34.00 10.21 26.30
C ILE A 545 33.05 9.17 25.68
N LEU A 546 33.63 8.07 25.21
CA LEU A 546 32.85 7.02 24.58
C LEU A 546 31.74 6.48 25.44
N SER A 547 32.06 6.07 26.68
CA SER A 547 31.06 5.53 27.60
C SER A 547 29.78 6.36 27.60
N VAL A 548 29.94 7.66 27.84
CA VAL A 548 28.79 8.54 27.86
C VAL A 548 28.13 8.56 26.48
N ILE A 549 28.91 8.25 25.44
CA ILE A 549 28.36 8.24 24.09
C ILE A 549 27.47 7.01 23.98
N LYS A 550 27.94 5.88 24.48
CA LYS A 550 27.12 4.68 24.37
C LYS A 550 25.87 4.80 25.22
N GLU A 551 26.02 5.36 26.42
CA GLU A 551 24.88 5.55 27.30
C GLU A 551 23.78 6.31 26.55
N TRP A 552 24.09 7.53 26.13
CA TRP A 552 23.15 8.38 25.41
C TRP A 552 22.46 7.74 24.20
N GLY A 553 23.17 6.91 23.47
CA GLY A 553 22.57 6.31 22.29
C GLY A 553 22.02 4.92 22.48
N THR A 554 22.56 4.21 23.46
CA THR A 554 22.14 2.85 23.78
C THR A 554 21.07 2.86 24.87
N GLY A 555 21.23 3.74 25.85
CA GLY A 555 20.27 3.83 26.93
C GLY A 555 18.89 4.28 26.51
N ARG A 556 18.01 4.46 27.50
CA ARG A 556 16.63 4.86 27.23
C ARG A 556 16.49 6.17 26.49
N ASP A 557 17.54 7.00 26.53
CA ASP A 557 17.50 8.29 25.83
C ASP A 557 17.34 8.12 24.32
N THR A 558 17.98 7.09 23.76
CA THR A 558 17.97 6.82 22.33
C THR A 558 18.24 8.13 21.57
N LEU A 559 19.46 8.63 21.74
CA LEU A 559 19.87 9.88 21.12
C LEU A 559 20.95 9.72 20.06
N ARG A 560 20.87 10.56 19.03
CA ARG A 560 21.87 10.54 17.98
C ARG A 560 23.02 11.43 18.46
N CYS A 561 24.24 10.90 18.42
CA CYS A 561 25.40 11.66 18.89
C CYS A 561 26.38 12.17 17.83
N LEU A 562 26.63 13.47 17.89
CA LEU A 562 27.57 14.11 16.98
C LEU A 562 28.84 14.54 17.72
N ALA A 563 29.97 13.89 17.46
CA ALA A 563 31.17 14.36 18.14
C ALA A 563 31.56 15.69 17.46
N LEU A 564 32.17 16.60 18.22
CA LEU A 564 32.58 17.89 17.66
C LEU A 564 34.04 18.17 17.96
N ALA A 565 34.77 18.65 16.96
CA ALA A 565 36.18 18.93 17.14
C ALA A 565 36.66 20.03 16.19
N THR A 566 37.89 20.50 16.41
CA THR A 566 38.45 21.49 15.53
C THR A 566 39.88 21.07 15.29
N ARG A 567 40.44 21.49 14.15
CA ARG A 567 41.83 21.23 13.84
C ARG A 567 42.50 22.56 14.18
N ASP A 568 43.32 22.57 15.22
CA ASP A 568 43.95 23.79 15.68
C ASP A 568 44.90 24.43 14.70
N THR A 569 45.70 23.61 14.01
CA THR A 569 46.60 24.15 13.00
C THR A 569 46.34 23.29 11.77
N PRO A 570 45.35 23.69 10.98
CA PRO A 570 45.02 22.93 9.78
C PRO A 570 46.14 23.03 8.74
N PRO A 571 46.11 22.16 7.72
CA PRO A 571 47.18 22.29 6.74
C PRO A 571 47.00 23.65 6.06
N LYS A 572 48.03 24.13 5.37
CA LYS A 572 47.94 25.42 4.69
C LYS A 572 46.97 25.27 3.51
N ARG A 573 46.31 26.35 3.12
CA ARG A 573 45.36 26.25 2.03
C ARG A 573 45.97 25.68 0.74
N GLU A 574 47.06 26.28 0.27
CA GLU A 574 47.70 25.82 -0.97
C GLU A 574 48.03 24.33 -0.97
N GLU A 575 48.03 23.71 0.20
CA GLU A 575 48.34 22.30 0.27
C GLU A 575 47.10 21.40 0.23
N MET A 576 45.93 21.98 -0.04
CA MET A 576 44.71 21.19 -0.06
C MET A 576 43.98 21.15 -1.39
N VAL A 577 43.66 19.93 -1.84
CA VAL A 577 42.92 19.78 -3.08
C VAL A 577 41.45 19.61 -2.71
N LEU A 578 40.75 20.73 -2.64
CA LEU A 578 39.35 20.80 -2.26
C LEU A 578 38.33 20.18 -3.22
N ASP A 579 38.79 19.60 -4.33
CA ASP A 579 37.87 19.02 -5.31
C ASP A 579 37.81 17.50 -5.39
N ASP A 580 38.69 16.82 -4.66
CA ASP A 580 38.68 15.36 -4.66
C ASP A 580 38.56 14.86 -3.21
N SER A 581 37.35 14.43 -2.88
CA SER A 581 36.96 13.97 -1.56
C SER A 581 37.80 13.00 -0.74
N SER A 582 38.50 12.08 -1.39
CA SER A 582 39.30 11.09 -0.65
C SER A 582 40.26 11.67 0.37
N ARG A 583 40.82 12.84 0.07
CA ARG A 583 41.77 13.47 0.98
C ARG A 583 41.14 14.15 2.19
N PHE A 584 39.81 14.28 2.19
CA PHE A 584 39.15 14.95 3.31
C PHE A 584 39.41 14.35 4.69
N MET A 585 39.32 13.02 4.80
CA MET A 585 39.56 12.36 6.09
C MET A 585 40.95 12.75 6.58
N GLU A 586 41.90 12.82 5.66
CA GLU A 586 43.28 13.18 5.97
C GLU A 586 43.38 14.63 6.48
N TYR A 587 42.59 15.52 5.85
CA TYR A 587 42.57 16.92 6.22
C TYR A 587 41.91 17.10 7.58
N GLU A 588 41.11 16.12 7.97
CA GLU A 588 40.41 16.14 9.25
C GLU A 588 41.09 15.15 10.18
N THR A 589 42.33 15.45 10.56
CA THR A 589 43.08 14.57 11.46
C THR A 589 43.92 15.41 12.40
N ASP A 590 44.43 14.79 13.46
CA ASP A 590 45.22 15.50 14.45
C ASP A 590 44.25 16.53 15.00
N LEU A 591 43.02 16.08 15.27
CA LEU A 591 41.98 16.96 15.81
C LEU A 591 42.02 17.07 17.32
N THR A 592 41.24 18.02 17.82
CA THR A 592 41.13 18.23 19.25
C THR A 592 39.65 18.15 19.62
N PHE A 593 39.32 17.13 20.40
CA PHE A 593 37.94 16.91 20.82
C PHE A 593 37.39 18.10 21.59
N VAL A 594 36.26 18.67 21.18
CA VAL A 594 35.72 19.80 21.94
C VAL A 594 34.33 19.51 22.51
N GLY A 595 33.91 18.25 22.45
CA GLY A 595 32.61 17.91 23.01
C GLY A 595 31.61 17.30 22.05
N VAL A 596 30.71 16.47 22.58
CA VAL A 596 29.69 15.83 21.78
C VAL A 596 28.30 16.37 22.12
N VAL A 597 27.39 16.19 21.17
CA VAL A 597 26.03 16.65 21.30
C VAL A 597 25.07 15.50 20.98
N GLY A 598 23.98 15.43 21.75
CA GLY A 598 23.02 14.36 21.54
C GLY A 598 21.67 14.93 21.18
N MET A 599 21.03 14.35 20.18
CA MET A 599 19.73 14.84 19.76
C MET A 599 18.73 13.70 19.66
N LEU A 600 17.46 14.05 19.67
CA LEU A 600 16.40 13.07 19.63
C LEU A 600 15.34 13.30 18.56
N ASP A 601 14.94 12.20 17.92
CA ASP A 601 13.90 12.21 16.88
C ASP A 601 12.75 11.43 17.52
N PRO A 602 12.01 12.09 18.41
CA PRO A 602 10.87 11.59 19.19
C PRO A 602 9.83 10.71 18.53
N PRO A 603 9.60 9.51 19.10
CA PRO A 603 8.61 8.61 18.53
C PRO A 603 7.29 9.36 18.45
N ARG A 604 6.42 8.97 17.54
CA ARG A 604 5.14 9.64 17.45
C ARG A 604 4.27 9.15 18.59
N LYS A 605 3.53 10.09 19.20
CA LYS A 605 2.64 9.82 20.31
C LYS A 605 1.87 8.50 20.20
N GLU A 606 1.13 8.34 19.11
CA GLU A 606 0.31 7.16 18.86
C GLU A 606 1.09 5.88 18.56
N VAL A 607 2.38 5.99 18.29
CA VAL A 607 3.15 4.80 17.94
C VAL A 607 3.20 3.76 19.06
N MET A 608 3.59 4.20 20.25
CA MET A 608 3.71 3.30 21.40
C MET A 608 2.48 2.39 21.50
N GLY A 609 1.31 3.00 21.37
CA GLY A 609 0.06 2.27 21.45
C GLY A 609 -0.17 1.38 20.24
N SER A 610 -0.04 1.94 19.04
CA SER A 610 -0.25 1.15 17.83
C SER A 610 0.62 -0.09 17.82
N ILE A 611 1.89 0.05 18.21
CA ILE A 611 2.77 -1.10 18.23
C ILE A 611 2.13 -2.17 19.10
N GLN A 612 1.46 -1.73 20.17
CA GLN A 612 0.81 -2.65 21.09
C GLN A 612 -0.34 -3.41 20.43
N LEU A 613 -1.28 -2.67 19.83
CA LEU A 613 -2.42 -3.31 19.17
C LEU A 613 -1.94 -4.42 18.24
N CYS A 614 -0.82 -4.18 17.56
CA CYS A 614 -0.31 -5.19 16.65
C CYS A 614 0.02 -6.46 17.41
N ARG A 615 0.54 -6.29 18.62
CA ARG A 615 0.85 -7.43 19.45
C ARG A 615 -0.45 -8.18 19.74
N ASP A 616 -1.47 -7.40 20.12
CA ASP A 616 -2.77 -7.99 20.40
C ASP A 616 -3.23 -8.70 19.13
N ALA A 617 -3.03 -8.04 18.00
CA ALA A 617 -3.42 -8.51 16.68
C ALA A 617 -2.56 -9.62 16.08
N GLY A 618 -1.45 -9.94 16.73
CA GLY A 618 -0.59 -10.99 16.21
C GLY A 618 0.05 -10.61 14.90
N ILE A 619 0.15 -9.31 14.67
CA ILE A 619 0.78 -8.76 13.47
C ILE A 619 2.18 -8.36 13.88
N ARG A 620 3.20 -9.01 13.31
CA ARG A 620 4.58 -8.67 13.65
C ARG A 620 4.91 -7.30 13.06
N VAL A 621 5.85 -6.60 13.68
CA VAL A 621 6.26 -5.30 13.23
C VAL A 621 7.78 -5.25 13.08
N ILE A 622 8.26 -4.73 11.95
CA ILE A 622 9.69 -4.64 11.70
C ILE A 622 10.13 -3.22 11.40
N MET A 623 11.11 -2.73 12.14
CA MET A 623 11.61 -1.39 11.90
C MET A 623 12.78 -1.42 10.90
N ILE A 624 12.78 -0.44 10.01
CA ILE A 624 13.85 -0.30 9.04
C ILE A 624 14.30 1.15 9.16
N THR A 625 15.54 1.34 9.60
CA THR A 625 16.09 2.69 9.82
C THR A 625 17.46 2.84 9.20
N GLY A 626 18.16 3.88 9.64
CA GLY A 626 19.49 4.15 9.16
C GLY A 626 20.41 4.32 10.36
N ASP A 627 19.87 4.05 11.54
CA ASP A 627 20.62 4.15 12.78
C ASP A 627 21.61 2.99 12.93
N ASN A 628 22.68 3.23 13.66
CA ASN A 628 23.63 2.15 13.90
C ASN A 628 22.73 1.16 14.64
N LYS A 629 22.97 -0.15 14.47
CA LYS A 629 22.08 -1.12 15.11
C LYS A 629 21.86 -0.87 16.61
N GLY A 630 22.95 -0.63 17.34
CA GLY A 630 22.81 -0.37 18.76
C GLY A 630 21.66 0.60 19.03
N THR A 631 21.71 1.79 18.44
CA THR A 631 20.65 2.76 18.65
C THR A 631 19.35 2.22 18.04
N ALA A 632 19.48 1.50 16.92
CA ALA A 632 18.32 0.92 16.25
C ALA A 632 17.55 0.13 17.31
N ILE A 633 18.25 -0.78 17.97
CA ILE A 633 17.66 -1.61 19.02
C ILE A 633 17.05 -0.77 20.15
N ALA A 634 17.84 0.17 20.67
CA ALA A 634 17.38 1.05 21.74
C ALA A 634 16.03 1.64 21.40
N ILE A 635 15.95 2.26 20.22
CA ILE A 635 14.71 2.86 19.76
C ILE A 635 13.59 1.84 19.67
N CYS A 636 13.92 0.65 19.17
CA CYS A 636 12.95 -0.44 19.07
C CYS A 636 12.40 -0.78 20.44
N ARG A 637 13.23 -0.67 21.47
CA ARG A 637 12.79 -0.94 22.83
C ARG A 637 11.96 0.23 23.36
N ARG A 638 12.38 1.44 23.05
CA ARG A 638 11.68 2.63 23.50
C ARG A 638 10.23 2.67 23.04
N ILE A 639 9.94 2.03 21.91
CA ILE A 639 8.60 2.03 21.38
C ILE A 639 7.86 0.73 21.61
N GLY A 640 8.59 -0.31 22.01
CA GLY A 640 7.92 -1.55 22.28
C GLY A 640 8.13 -2.68 21.31
N ILE A 641 8.88 -2.46 20.24
CA ILE A 641 9.14 -3.54 19.29
C ILE A 641 9.82 -4.64 20.10
N PHE A 642 10.69 -4.22 21.01
CA PHE A 642 11.43 -5.13 21.89
C PHE A 642 11.14 -4.74 23.34
N GLY A 643 11.40 -5.68 24.26
CA GLY A 643 11.19 -5.43 25.67
C GLY A 643 12.49 -4.90 26.25
N GLU A 644 12.39 -3.90 27.11
CA GLU A 644 13.57 -3.30 27.72
C GLU A 644 14.67 -4.29 28.05
N ASN A 645 14.29 -5.50 28.43
CA ASN A 645 15.27 -6.52 28.80
C ASN A 645 15.16 -7.77 27.93
N GLU A 646 14.55 -7.63 26.77
CA GLU A 646 14.39 -8.76 25.88
C GLU A 646 15.69 -9.02 25.11
N GLU A 647 15.97 -10.29 24.85
CA GLU A 647 17.17 -10.68 24.11
C GLU A 647 16.89 -10.46 22.63
N VAL A 648 17.78 -9.73 21.97
CA VAL A 648 17.58 -9.41 20.58
C VAL A 648 18.62 -9.94 19.60
N ALA A 649 19.80 -10.26 20.09
CA ALA A 649 20.88 -10.76 19.24
C ALA A 649 20.43 -11.39 17.91
N ASP A 650 19.51 -12.35 17.99
CA ASP A 650 19.01 -13.06 16.81
C ASP A 650 17.85 -12.37 16.09
N ARG A 651 17.34 -11.28 16.66
CA ARG A 651 16.20 -10.58 16.09
C ARG A 651 16.46 -9.22 15.41
N ALA A 652 17.72 -8.76 15.44
CA ALA A 652 18.09 -7.50 14.82
C ALA A 652 19.31 -7.71 13.94
N TYR A 653 19.26 -7.16 12.74
CA TYR A 653 20.37 -7.31 11.81
C TYR A 653 20.69 -6.02 11.09
N THR A 654 21.96 -5.87 10.77
CA THR A 654 22.43 -4.70 10.05
C THR A 654 22.57 -5.19 8.61
N GLY A 655 22.32 -4.30 7.66
CA GLY A 655 22.44 -4.69 6.25
C GLY A 655 23.70 -5.51 5.95
N ARG A 656 24.83 -5.09 6.50
CA ARG A 656 26.06 -5.83 6.26
C ARG A 656 25.93 -7.25 6.81
N GLU A 657 25.53 -7.37 8.08
CA GLU A 657 25.37 -8.67 8.69
C GLU A 657 24.50 -9.57 7.83
N PHE A 658 23.32 -9.06 7.49
CA PHE A 658 22.38 -9.79 6.67
C PHE A 658 23.04 -10.30 5.38
N ASP A 659 23.92 -9.50 4.79
CA ASP A 659 24.56 -9.94 3.56
C ASP A 659 25.53 -11.11 3.76
N ASP A 660 26.36 -11.03 4.80
CA ASP A 660 27.33 -12.08 5.07
C ASP A 660 26.67 -13.43 5.28
N LEU A 661 25.34 -13.44 5.37
CA LEU A 661 24.62 -14.69 5.58
C LEU A 661 24.29 -15.38 4.27
N PRO A 662 24.16 -16.72 4.33
CA PRO A 662 23.84 -17.52 3.15
C PRO A 662 22.31 -17.59 3.03
N LEU A 663 21.82 -17.62 1.80
CA LEU A 663 20.39 -17.67 1.51
C LEU A 663 19.59 -18.43 2.56
N ALA A 664 20.21 -19.43 3.17
CA ALA A 664 19.56 -20.24 4.20
C ALA A 664 19.22 -19.44 5.46
N GLU A 665 20.23 -19.19 6.29
CA GLU A 665 20.01 -18.44 7.52
C GLU A 665 19.45 -17.05 7.22
N GLN A 666 19.67 -16.61 6.00
CA GLN A 666 19.18 -15.31 5.57
C GLN A 666 17.65 -15.32 5.59
N ARG A 667 17.06 -16.48 5.30
CA ARG A 667 15.60 -16.60 5.29
C ARG A 667 15.10 -16.75 6.71
N GLU A 668 15.87 -17.45 7.55
CA GLU A 668 15.52 -17.66 8.96
C GLU A 668 15.40 -16.31 9.64
N ALA A 669 16.50 -15.56 9.62
CA ALA A 669 16.56 -14.24 10.23
C ALA A 669 15.29 -13.46 9.95
N CYS A 670 14.78 -13.57 8.74
CA CYS A 670 13.58 -12.84 8.39
C CYS A 670 12.31 -13.23 9.14
N ARG A 671 12.07 -14.51 9.37
CA ARG A 671 10.85 -14.90 10.07
C ARG A 671 10.90 -14.52 11.54
N ARG A 672 12.09 -14.23 12.05
CA ARG A 672 12.24 -13.88 13.45
C ARG A 672 12.63 -12.43 13.74
N ALA A 673 13.37 -11.80 12.82
CA ALA A 673 13.81 -10.41 13.00
C ALA A 673 12.71 -9.38 13.11
N CYS A 674 12.98 -8.31 13.85
CA CYS A 674 12.04 -7.21 14.02
C CYS A 674 12.73 -5.86 13.82
N CYS A 675 14.04 -5.91 13.58
CA CYS A 675 14.81 -4.69 13.38
C CYS A 675 15.94 -4.85 12.36
N PHE A 676 16.01 -3.93 11.40
CA PHE A 676 17.08 -3.90 10.39
C PHE A 676 17.72 -2.51 10.45
N ALA A 677 18.98 -2.49 10.86
CA ALA A 677 19.75 -1.25 11.03
C ALA A 677 20.09 -0.41 9.82
N ARG A 678 21.08 -0.83 9.03
CA ARG A 678 21.45 -0.01 7.89
C ARG A 678 21.31 -0.72 6.56
N VAL A 679 20.06 -0.79 6.13
CA VAL A 679 19.66 -1.45 4.91
C VAL A 679 20.08 -0.86 3.57
N GLU A 680 20.81 -1.68 2.80
CA GLU A 680 21.28 -1.28 1.49
C GLU A 680 20.16 -1.43 0.45
N PRO A 681 20.37 -0.92 -0.77
CA PRO A 681 19.42 -0.93 -1.91
C PRO A 681 18.34 -2.01 -2.06
N SER A 682 18.76 -3.26 -2.21
CA SER A 682 17.83 -4.37 -2.44
C SER A 682 17.24 -5.08 -1.22
N HIS A 683 17.69 -4.73 -0.01
CA HIS A 683 17.20 -5.43 1.16
C HIS A 683 15.68 -5.48 1.35
N LYS A 684 14.99 -4.39 1.02
CA LYS A 684 13.55 -4.38 1.19
C LYS A 684 12.88 -5.43 0.28
N SER A 685 13.41 -5.59 -0.92
CA SER A 685 12.82 -6.55 -1.84
C SER A 685 13.13 -8.00 -1.42
N LYS A 686 14.29 -8.22 -0.82
CA LYS A 686 14.66 -9.57 -0.41
C LYS A 686 13.85 -9.97 0.80
N ILE A 687 13.86 -9.11 1.83
CA ILE A 687 13.10 -9.36 3.05
C ILE A 687 11.64 -9.66 2.69
N VAL A 688 11.09 -8.94 1.74
CA VAL A 688 9.72 -9.20 1.34
C VAL A 688 9.62 -10.59 0.73
N GLU A 689 10.65 -11.04 0.01
CA GLU A 689 10.58 -12.38 -0.58
C GLU A 689 10.53 -13.46 0.49
N TYR A 690 11.43 -13.35 1.47
CA TYR A 690 11.49 -14.31 2.54
C TYR A 690 10.20 -14.37 3.35
N LEU A 691 9.66 -13.20 3.69
CA LEU A 691 8.43 -13.14 4.45
C LEU A 691 7.30 -13.79 3.65
N GLN A 692 7.48 -13.85 2.35
CA GLN A 692 6.46 -14.43 1.49
C GLN A 692 6.59 -15.94 1.43
N SER A 693 7.81 -16.44 1.53
CA SER A 693 8.03 -17.88 1.48
C SER A 693 7.32 -18.52 2.68
N TYR A 694 7.24 -17.78 3.79
CA TYR A 694 6.58 -18.28 5.00
C TYR A 694 5.12 -17.90 4.92
N ASP A 695 4.66 -17.70 3.69
CA ASP A 695 3.27 -17.30 3.43
C ASP A 695 2.77 -16.25 4.40
N GLU A 696 3.45 -15.10 4.43
CA GLU A 696 3.05 -14.00 5.28
C GLU A 696 2.63 -12.81 4.45
N ILE A 697 1.48 -12.22 4.80
CA ILE A 697 0.97 -11.05 4.08
C ILE A 697 1.75 -9.84 4.62
N THR A 698 2.74 -9.36 3.87
CA THR A 698 3.55 -8.26 4.38
C THR A 698 3.30 -6.86 3.82
N ALA A 699 3.51 -5.87 4.67
CA ALA A 699 3.32 -4.47 4.29
C ALA A 699 4.65 -3.71 4.41
N MET A 700 5.09 -3.11 3.30
CA MET A 700 6.34 -2.33 3.25
C MET A 700 5.97 -0.87 3.08
N THR A 701 6.90 0.01 3.48
CA THR A 701 6.73 1.44 3.33
C THR A 701 7.96 1.94 2.56
N GLY A 702 7.87 3.13 1.97
CA GLY A 702 8.99 3.68 1.23
C GLY A 702 8.48 4.79 0.36
N ASP A 703 9.35 5.62 -0.21
CA ASP A 703 8.84 6.70 -1.03
C ASP A 703 9.62 7.09 -2.28
N GLY A 704 10.75 6.45 -2.52
CA GLY A 704 11.50 6.80 -3.71
C GLY A 704 11.33 5.74 -4.76
N VAL A 705 11.88 5.97 -5.95
CA VAL A 705 11.81 4.96 -7.01
C VAL A 705 12.64 3.80 -6.46
N ASN A 706 13.60 4.13 -5.61
CA ASN A 706 14.44 3.11 -4.99
C ASN A 706 13.58 2.05 -4.32
N ASP A 707 12.45 2.46 -3.74
CA ASP A 707 11.59 1.49 -3.08
C ASP A 707 10.41 0.99 -3.90
N ALA A 708 10.22 1.51 -5.11
CA ALA A 708 9.10 1.04 -5.93
C ALA A 708 9.12 -0.50 -6.07
N PRO A 709 10.23 -1.09 -6.53
CA PRO A 709 10.20 -2.56 -6.64
C PRO A 709 9.70 -3.27 -5.37
N ALA A 710 10.15 -2.85 -4.17
CA ALA A 710 9.70 -3.49 -2.91
C ALA A 710 8.22 -3.22 -2.67
N LEU A 711 7.79 -1.97 -2.85
CA LEU A 711 6.39 -1.63 -2.66
C LEU A 711 5.51 -2.40 -3.65
N LYS A 712 6.05 -2.76 -4.79
CA LYS A 712 5.24 -3.49 -5.75
C LYS A 712 5.15 -4.96 -5.34
N LYS A 713 6.28 -5.52 -4.89
CA LYS A 713 6.31 -6.92 -4.48
C LYS A 713 5.53 -7.16 -3.18
N ALA A 714 5.55 -6.21 -2.26
CA ALA A 714 4.82 -6.41 -0.99
C ALA A 714 3.33 -6.59 -1.29
N GLU A 715 2.64 -7.32 -0.43
CA GLU A 715 1.21 -7.53 -0.63
C GLU A 715 0.51 -6.19 -0.50
N ILE A 716 1.05 -5.31 0.33
CA ILE A 716 0.47 -3.98 0.48
C ILE A 716 1.57 -2.95 0.58
N GLY A 717 2.05 -2.47 -0.56
CA GLY A 717 3.07 -1.43 -0.53
C GLY A 717 2.41 -0.19 0.07
N ILE A 718 3.10 0.49 0.97
CA ILE A 718 2.53 1.67 1.59
C ILE A 718 3.38 2.89 1.31
N ALA A 719 2.81 3.88 0.66
CA ALA A 719 3.53 5.10 0.34
C ALA A 719 3.21 6.25 1.31
N MET A 720 4.08 7.25 1.34
CA MET A 720 3.88 8.41 2.19
C MET A 720 3.10 9.50 1.46
N GLY A 721 2.21 10.19 2.17
CA GLY A 721 1.47 11.27 1.54
C GLY A 721 2.44 12.32 1.00
N SER A 722 3.58 12.47 1.66
CA SER A 722 4.57 13.43 1.24
C SER A 722 5.67 12.84 0.36
N GLY A 723 5.56 11.55 0.04
CA GLY A 723 6.57 10.89 -0.79
C GLY A 723 6.43 11.15 -2.28
N THR A 724 7.31 10.55 -3.09
CA THR A 724 7.30 10.75 -4.52
C THR A 724 6.02 10.21 -5.17
N ALA A 725 5.82 10.58 -6.42
CA ALA A 725 4.64 10.16 -7.15
C ALA A 725 4.78 8.73 -7.66
N VAL A 726 6.02 8.30 -7.89
CA VAL A 726 6.26 6.95 -8.39
C VAL A 726 6.03 5.97 -7.25
N ALA A 727 6.48 6.32 -6.05
CA ALA A 727 6.25 5.43 -4.92
C ALA A 727 4.73 5.27 -4.76
N LYS A 728 4.01 6.39 -4.68
CA LYS A 728 2.58 6.32 -4.53
C LYS A 728 1.95 5.43 -5.57
N THR A 729 2.29 5.64 -6.83
CA THR A 729 1.71 4.82 -7.87
C THR A 729 2.07 3.34 -7.77
N ALA A 730 3.11 3.04 -7.00
CA ALA A 730 3.55 1.65 -6.84
C ALA A 730 2.87 0.98 -5.67
N SER A 731 2.39 1.80 -4.74
CA SER A 731 1.75 1.29 -3.54
C SER A 731 0.24 1.16 -3.65
N GLU A 732 -0.33 0.34 -2.77
CA GLU A 732 -1.77 0.13 -2.70
C GLU A 732 -2.41 1.16 -1.77
N MET A 733 -1.61 1.67 -0.83
CA MET A 733 -2.12 2.64 0.12
C MET A 733 -1.16 3.80 0.37
N VAL A 734 -1.72 4.96 0.68
CA VAL A 734 -0.93 6.15 0.95
C VAL A 734 -1.29 6.77 2.29
N LEU A 735 -0.30 6.97 3.14
CA LEU A 735 -0.52 7.57 4.45
C LEU A 735 -0.50 9.10 4.37
N ALA A 736 -1.66 9.70 4.23
CA ALA A 736 -1.76 11.15 4.13
C ALA A 736 -0.89 11.87 5.13
N ASP A 737 -0.83 11.35 6.35
CA ASP A 737 -0.05 11.96 7.41
C ASP A 737 1.29 11.28 7.67
N ASP A 738 1.65 10.32 6.82
CA ASP A 738 2.91 9.60 6.97
C ASP A 738 3.00 8.86 8.31
N ASN A 739 1.90 8.78 9.05
CA ASN A 739 1.92 8.15 10.38
C ASN A 739 1.75 6.64 10.46
N PHE A 740 2.71 5.98 11.11
CA PHE A 740 2.65 4.54 11.27
C PHE A 740 1.28 4.13 11.79
N SER A 741 0.81 4.87 12.80
CA SER A 741 -0.49 4.60 13.41
C SER A 741 -1.61 4.47 12.38
N THR A 742 -1.50 5.23 11.28
CA THR A 742 -2.49 5.18 10.20
C THR A 742 -2.49 3.78 9.59
N ILE A 743 -1.32 3.17 9.49
CA ILE A 743 -1.24 1.83 8.93
C ILE A 743 -2.09 0.90 9.76
N VAL A 744 -1.81 0.88 11.07
CA VAL A 744 -2.55 0.00 11.95
C VAL A 744 -4.04 0.23 11.90
N ALA A 745 -4.46 1.47 12.08
CA ALA A 745 -5.89 1.79 12.02
C ALA A 745 -6.47 1.15 10.76
N ALA A 746 -5.77 1.35 9.64
CA ALA A 746 -6.20 0.79 8.36
C ALA A 746 -6.40 -0.70 8.45
N VAL A 747 -5.38 -1.42 8.91
CA VAL A 747 -5.48 -2.86 9.07
C VAL A 747 -6.80 -3.22 9.76
N GLU A 748 -7.18 -2.41 10.75
CA GLU A 748 -8.42 -2.62 11.50
C GLU A 748 -9.69 -2.49 10.67
N GLU A 749 -9.91 -1.34 10.04
CA GLU A 749 -11.07 -1.16 9.18
C GLU A 749 -11.07 -2.32 8.21
N GLY A 750 -9.88 -2.77 7.86
CA GLY A 750 -9.79 -3.89 6.94
C GLY A 750 -10.55 -5.05 7.52
N ARG A 751 -10.07 -5.54 8.66
CA ARG A 751 -10.68 -6.65 9.35
C ARG A 751 -12.20 -6.51 9.58
N ALA A 752 -12.63 -5.27 9.78
CA ALA A 752 -14.05 -5.00 10.00
C ALA A 752 -14.80 -5.08 8.70
N ILE A 753 -14.30 -4.38 7.68
CA ILE A 753 -14.94 -4.39 6.38
C ILE A 753 -15.18 -5.83 5.96
N TYR A 754 -14.14 -6.64 6.00
CA TYR A 754 -14.27 -8.03 5.58
C TYR A 754 -15.26 -8.85 6.38
N ASN A 755 -15.25 -8.73 7.71
CA ASN A 755 -16.20 -9.50 8.50
C ASN A 755 -17.61 -9.29 7.97
N ASN A 756 -18.04 -8.03 7.84
CA ASN A 756 -19.38 -7.74 7.32
C ASN A 756 -19.47 -8.30 5.90
N MET A 757 -18.45 -7.97 5.10
CA MET A 757 -18.36 -8.40 3.71
C MET A 757 -18.55 -9.92 3.63
N LYS A 758 -17.91 -10.64 4.56
CA LYS A 758 -18.00 -12.08 4.61
C LYS A 758 -19.44 -12.58 4.79
N GLN A 759 -20.21 -11.92 5.64
CA GLN A 759 -21.60 -12.33 5.85
C GLN A 759 -22.51 -12.08 4.65
N PHE A 760 -22.55 -10.84 4.13
CA PHE A 760 -23.42 -10.61 3.00
C PHE A 760 -23.07 -11.52 1.81
N ILE A 761 -21.84 -12.00 1.77
CA ILE A 761 -21.47 -12.91 0.70
C ILE A 761 -22.18 -14.23 1.02
N ARG A 762 -21.98 -14.72 2.24
CA ARG A 762 -22.61 -15.96 2.69
C ARG A 762 -24.13 -15.88 2.47
N TYR A 763 -24.69 -14.74 2.82
CA TYR A 763 -26.11 -14.52 2.66
C TYR A 763 -26.54 -14.77 1.21
N LEU A 764 -26.02 -13.98 0.29
CA LEU A 764 -26.36 -14.12 -1.12
C LEU A 764 -26.06 -15.51 -1.67
N ILE A 765 -24.82 -15.96 -1.52
CA ILE A 765 -24.44 -17.27 -2.02
C ILE A 765 -25.38 -18.40 -1.59
N SER A 766 -25.81 -18.37 -0.33
CA SER A 766 -26.72 -19.42 0.16
C SER A 766 -28.08 -19.32 -0.54
N SER A 767 -28.59 -18.11 -0.69
CA SER A 767 -29.87 -17.94 -1.36
C SER A 767 -29.75 -18.63 -2.71
N ASN A 768 -28.74 -18.25 -3.48
CA ASN A 768 -28.54 -18.86 -4.80
C ASN A 768 -28.58 -20.39 -4.71
N VAL A 769 -28.09 -20.93 -3.60
CA VAL A 769 -28.07 -22.37 -3.42
C VAL A 769 -29.51 -22.87 -3.43
N GLY A 770 -30.36 -22.19 -2.68
CA GLY A 770 -31.76 -22.56 -2.58
C GLY A 770 -32.54 -22.31 -3.84
N GLU A 771 -32.29 -21.16 -4.48
CA GLU A 771 -32.98 -20.82 -5.71
C GLU A 771 -32.86 -21.99 -6.65
N VAL A 772 -31.66 -22.53 -6.74
CA VAL A 772 -31.38 -23.67 -7.61
C VAL A 772 -32.18 -24.91 -7.25
N VAL A 773 -32.22 -25.25 -5.97
CA VAL A 773 -32.97 -26.45 -5.57
C VAL A 773 -34.40 -26.35 -6.11
N CYS A 774 -34.93 -25.14 -6.10
CA CYS A 774 -36.27 -24.88 -6.60
C CYS A 774 -36.34 -25.32 -8.04
N ILE A 775 -35.42 -24.77 -8.84
CA ILE A 775 -35.34 -25.07 -10.26
C ILE A 775 -35.05 -26.54 -10.51
N PHE A 776 -34.33 -27.17 -9.58
CA PHE A 776 -34.04 -28.57 -9.75
C PHE A 776 -35.35 -29.35 -9.59
N LEU A 777 -36.00 -29.20 -8.44
CA LEU A 777 -37.25 -29.90 -8.19
C LEU A 777 -38.29 -29.61 -9.28
N THR A 778 -38.47 -28.33 -9.58
CA THR A 778 -39.43 -27.91 -10.59
C THR A 778 -39.27 -28.75 -11.85
N ALA A 779 -38.06 -29.23 -12.09
CA ALA A 779 -37.79 -30.05 -13.27
C ALA A 779 -37.81 -31.54 -12.95
N ALA A 780 -37.20 -31.91 -11.83
CA ALA A 780 -37.14 -33.30 -11.40
C ALA A 780 -38.55 -33.86 -11.31
N LEU A 781 -39.49 -33.02 -10.90
CA LEU A 781 -40.88 -33.42 -10.76
C LEU A 781 -41.60 -33.28 -12.10
N GLY A 782 -41.21 -32.28 -12.87
CA GLY A 782 -41.83 -32.03 -14.16
C GLY A 782 -42.84 -30.90 -13.99
N LEU A 783 -43.02 -30.49 -12.74
CA LEU A 783 -43.93 -29.43 -12.36
C LEU A 783 -43.71 -28.14 -13.16
N PRO A 784 -44.77 -27.31 -13.31
CA PRO A 784 -44.64 -26.05 -14.04
C PRO A 784 -43.64 -25.12 -13.38
N GLU A 785 -42.97 -24.31 -14.18
CA GLU A 785 -41.98 -23.36 -13.66
C GLU A 785 -42.50 -22.64 -12.41
N ALA A 786 -41.78 -22.81 -11.30
CA ALA A 786 -42.15 -22.17 -10.05
C ALA A 786 -41.62 -20.74 -9.98
N LEU A 787 -40.47 -20.50 -10.60
CA LEU A 787 -39.84 -19.18 -10.63
C LEU A 787 -39.23 -18.88 -11.99
N ILE A 788 -39.25 -17.62 -12.39
CA ILE A 788 -38.70 -17.22 -13.69
C ILE A 788 -37.47 -16.32 -13.60
N PRO A 789 -36.50 -16.56 -14.49
CA PRO A 789 -35.26 -15.80 -14.58
C PRO A 789 -35.45 -14.32 -14.29
N VAL A 790 -36.46 -13.72 -14.90
CA VAL A 790 -36.66 -12.30 -14.68
C VAL A 790 -36.88 -12.02 -13.20
N GLN A 791 -37.82 -12.74 -12.58
CA GLN A 791 -38.10 -12.56 -11.17
C GLN A 791 -36.79 -12.79 -10.40
N LEU A 792 -36.23 -13.99 -10.55
CA LEU A 792 -34.98 -14.33 -9.88
C LEU A 792 -34.03 -13.14 -9.99
N LEU A 793 -33.79 -12.70 -11.21
CA LEU A 793 -32.92 -11.58 -11.47
C LEU A 793 -33.22 -10.37 -10.58
N TRP A 794 -34.45 -9.87 -10.66
CA TRP A 794 -34.83 -8.73 -9.84
C TRP A 794 -34.42 -9.01 -8.40
N VAL A 795 -34.77 -10.19 -7.92
CA VAL A 795 -34.44 -10.58 -6.57
C VAL A 795 -32.96 -10.43 -6.25
N ASN A 796 -32.15 -11.18 -6.96
CA ASN A 796 -30.72 -11.19 -6.76
C ASN A 796 -30.01 -9.86 -6.93
N LEU A 797 -30.62 -8.92 -7.65
CA LEU A 797 -29.99 -7.62 -7.83
C LEU A 797 -30.58 -6.56 -6.93
N VAL A 798 -31.90 -6.62 -6.75
CA VAL A 798 -32.58 -5.63 -5.94
C VAL A 798 -33.09 -6.13 -4.59
N THR A 799 -34.20 -6.88 -4.57
CA THR A 799 -34.74 -7.36 -3.31
C THR A 799 -33.71 -7.95 -2.33
N ASP A 800 -32.77 -8.73 -2.83
CA ASP A 800 -31.75 -9.31 -1.95
C ASP A 800 -30.49 -8.44 -1.92
N GLY A 801 -30.36 -7.57 -2.92
CA GLY A 801 -29.20 -6.71 -2.98
C GLY A 801 -29.11 -5.75 -1.81
N LEU A 802 -30.17 -4.97 -1.63
CA LEU A 802 -30.27 -3.98 -0.56
C LEU A 802 -29.99 -4.54 0.84
N PRO A 803 -30.61 -5.67 1.21
CA PRO A 803 -30.28 -6.13 2.55
C PRO A 803 -28.83 -6.62 2.61
N ALA A 804 -28.33 -7.10 1.48
CA ALA A 804 -26.95 -7.56 1.44
C ALA A 804 -26.02 -6.38 1.73
N THR A 805 -26.18 -5.29 0.98
CA THR A 805 -25.33 -4.12 1.19
C THR A 805 -25.64 -3.44 2.54
N ALA A 806 -26.69 -3.87 3.22
CA ALA A 806 -27.02 -3.27 4.51
C ALA A 806 -26.22 -4.04 5.55
N LEU A 807 -26.11 -5.35 5.34
CA LEU A 807 -25.32 -6.18 6.24
C LEU A 807 -23.89 -5.64 6.21
N GLY A 808 -23.60 -4.87 5.17
CA GLY A 808 -22.28 -4.29 5.05
C GLY A 808 -22.02 -3.35 6.21
N PHE A 809 -23.10 -2.89 6.84
CA PHE A 809 -22.95 -1.97 7.96
C PHE A 809 -23.10 -2.59 9.36
N ASN A 810 -23.08 -3.92 9.41
CA ASN A 810 -23.17 -4.65 10.68
C ASN A 810 -22.13 -4.04 11.61
N PRO A 811 -22.45 -3.95 12.91
CA PRO A 811 -21.50 -3.38 13.88
C PRO A 811 -20.28 -4.30 14.01
N PRO A 812 -19.10 -3.72 14.24
CA PRO A 812 -17.86 -4.47 14.38
C PRO A 812 -17.76 -5.26 15.67
N ASP A 813 -17.17 -6.45 15.63
CA ASP A 813 -17.00 -7.22 16.86
C ASP A 813 -16.10 -6.36 17.72
N LEU A 814 -15.94 -6.73 18.98
CA LEU A 814 -15.12 -5.93 19.87
C LEU A 814 -13.71 -6.45 20.04
N ASP A 815 -13.49 -7.71 19.67
CA ASP A 815 -12.17 -8.31 19.80
C ASP A 815 -11.44 -8.43 18.46
N ILE A 816 -11.86 -7.64 17.48
CA ILE A 816 -11.26 -7.68 16.15
C ILE A 816 -9.74 -7.63 16.15
N MET A 817 -9.16 -6.81 17.03
CA MET A 817 -7.71 -6.68 17.10
C MET A 817 -7.04 -7.53 18.17
N ASP A 818 -7.77 -8.51 18.70
CA ASP A 818 -7.24 -9.38 19.74
C ASP A 818 -7.06 -10.77 19.20
N ARG A 819 -7.56 -10.98 17.99
CA ARG A 819 -7.46 -12.27 17.32
C ARG A 819 -6.37 -12.17 16.25
N PRO A 820 -5.60 -13.25 16.07
CA PRO A 820 -4.53 -13.25 15.05
C PRO A 820 -5.08 -12.95 13.65
N PRO A 821 -4.22 -12.54 12.72
CA PRO A 821 -4.74 -12.25 11.39
C PRO A 821 -5.34 -13.47 10.70
N ARG A 822 -6.45 -13.25 10.01
CA ARG A 822 -7.14 -14.32 9.31
C ARG A 822 -6.26 -15.01 8.26
N SER A 823 -6.36 -16.33 8.19
CA SER A 823 -5.58 -17.09 7.21
C SER A 823 -6.21 -16.87 5.84
N PRO A 824 -5.39 -16.59 4.82
CA PRO A 824 -5.93 -16.37 3.47
C PRO A 824 -6.65 -17.60 2.96
N LYS A 825 -6.14 -18.78 3.33
CA LYS A 825 -6.71 -20.04 2.92
C LYS A 825 -8.01 -20.38 3.65
N GLU A 826 -8.44 -19.51 4.56
CA GLU A 826 -9.67 -19.75 5.30
C GLU A 826 -10.87 -19.60 4.37
N PRO A 827 -11.59 -20.70 4.10
CA PRO A 827 -12.77 -20.67 3.21
C PRO A 827 -13.96 -19.92 3.82
N LEU A 828 -14.84 -19.42 2.96
CA LEU A 828 -16.01 -18.69 3.41
C LEU A 828 -17.10 -19.58 3.95
N ILE A 829 -17.24 -20.76 3.35
CA ILE A 829 -18.25 -21.73 3.75
C ILE A 829 -17.76 -23.17 3.76
N SER A 830 -17.78 -23.77 4.95
CA SER A 830 -17.33 -25.16 5.11
C SER A 830 -17.89 -25.79 6.37
N GLY A 831 -17.65 -27.10 6.49
CA GLY A 831 -18.12 -27.83 7.65
C GLY A 831 -19.57 -27.57 8.00
N TRP A 832 -19.83 -27.37 9.28
CA TRP A 832 -21.19 -27.14 9.74
C TRP A 832 -21.91 -25.95 9.10
N LEU A 833 -21.17 -24.97 8.59
CA LEU A 833 -21.85 -23.83 7.95
C LEU A 833 -22.33 -24.28 6.58
N PHE A 834 -21.57 -25.20 5.99
CA PHE A 834 -21.92 -25.75 4.69
C PHE A 834 -23.24 -26.49 4.90
N PHE A 835 -23.26 -27.29 5.97
CA PHE A 835 -24.44 -28.06 6.31
C PHE A 835 -25.68 -27.20 6.50
N ARG A 836 -25.52 -26.07 7.16
CA ARG A 836 -26.65 -25.18 7.41
C ARG A 836 -27.29 -24.65 6.15
N TYR A 837 -26.50 -23.94 5.34
CA TYR A 837 -27.03 -23.41 4.09
C TYR A 837 -27.41 -24.60 3.22
N MET A 838 -26.82 -25.74 3.53
CA MET A 838 -27.11 -26.98 2.82
C MET A 838 -28.58 -27.25 3.11
N ALA A 839 -28.98 -27.04 4.36
CA ALA A 839 -30.37 -27.24 4.75
C ALA A 839 -31.26 -26.06 4.32
N ILE A 840 -30.97 -24.87 4.86
CA ILE A 840 -31.76 -23.68 4.51
C ILE A 840 -32.11 -23.69 3.03
N GLY A 841 -31.07 -23.79 2.19
CA GLY A 841 -31.27 -23.82 0.77
C GLY A 841 -32.28 -24.88 0.40
N GLY A 842 -32.05 -26.11 0.85
CA GLY A 842 -32.97 -27.20 0.57
C GLY A 842 -34.37 -26.78 0.97
N TYR A 843 -34.47 -26.09 2.09
CA TYR A 843 -35.76 -25.64 2.59
C TYR A 843 -36.44 -24.67 1.63
N VAL A 844 -35.78 -23.57 1.33
CA VAL A 844 -36.37 -22.60 0.42
C VAL A 844 -36.76 -23.27 -0.88
N GLY A 845 -35.99 -24.27 -1.28
CA GLY A 845 -36.26 -24.99 -2.52
C GLY A 845 -37.59 -25.73 -2.49
N ALA A 846 -37.92 -26.31 -1.34
CA ALA A 846 -39.17 -27.04 -1.18
C ALA A 846 -40.28 -26.06 -0.89
N ALA A 847 -39.98 -25.06 -0.06
CA ALA A 847 -40.96 -24.04 0.31
C ALA A 847 -41.46 -23.27 -0.90
N THR A 848 -40.53 -22.93 -1.79
CA THR A 848 -40.85 -22.17 -2.98
C THR A 848 -41.66 -22.99 -3.96
N VAL A 849 -41.21 -24.21 -4.24
CA VAL A 849 -41.92 -25.08 -5.16
C VAL A 849 -43.30 -25.42 -4.60
N GLY A 850 -43.35 -25.94 -3.38
CA GLY A 850 -44.61 -26.29 -2.75
C GLY A 850 -45.65 -25.18 -2.83
N ALA A 851 -45.25 -23.97 -2.42
CA ALA A 851 -46.14 -22.82 -2.45
C ALA A 851 -46.85 -22.63 -3.78
N ALA A 852 -46.07 -22.56 -4.86
CA ALA A 852 -46.63 -22.40 -6.21
C ALA A 852 -47.55 -23.57 -6.52
N ALA A 853 -47.04 -24.78 -6.34
CA ALA A 853 -47.81 -26.00 -6.58
C ALA A 853 -49.09 -25.96 -5.76
N TRP A 854 -48.98 -25.46 -4.53
CA TRP A 854 -50.13 -25.33 -3.66
C TRP A 854 -51.27 -24.62 -4.39
N TRP A 855 -50.99 -23.44 -4.91
CA TRP A 855 -52.00 -22.68 -5.62
C TRP A 855 -52.69 -23.60 -6.62
N PHE A 856 -51.95 -24.60 -7.09
CA PHE A 856 -52.50 -25.55 -8.03
C PHE A 856 -53.30 -26.60 -7.25
N MET A 857 -52.75 -27.04 -6.12
CA MET A 857 -53.42 -28.04 -5.29
C MET A 857 -53.82 -27.52 -3.91
N TYR A 858 -55.10 -27.64 -3.58
CA TYR A 858 -55.62 -27.22 -2.27
C TYR A 858 -55.88 -25.72 -2.12
N ALA A 859 -55.88 -25.00 -3.23
CA ALA A 859 -56.11 -23.56 -3.19
C ALA A 859 -57.53 -23.19 -3.62
N GLU A 860 -58.11 -22.20 -2.95
CA GLU A 860 -59.47 -21.74 -3.26
C GLU A 860 -59.50 -20.67 -4.34
N ASP A 861 -58.58 -20.74 -5.30
CA ASP A 861 -58.52 -19.75 -6.38
C ASP A 861 -58.02 -20.35 -7.70
N GLY A 862 -58.34 -21.62 -7.93
CA GLY A 862 -57.92 -22.28 -9.15
C GLY A 862 -57.38 -23.66 -8.85
N PRO A 863 -58.10 -24.48 -8.08
CA PRO A 863 -57.68 -25.83 -7.70
C PRO A 863 -57.13 -26.65 -8.85
N GLY A 864 -56.53 -27.79 -8.51
CA GLY A 864 -55.96 -28.67 -9.51
C GLY A 864 -55.91 -30.09 -9.00
N VAL A 865 -55.28 -30.97 -9.77
CA VAL A 865 -55.18 -32.38 -9.41
C VAL A 865 -54.48 -32.68 -8.09
N THR A 866 -55.27 -32.87 -7.03
CA THR A 866 -54.73 -33.17 -5.71
C THR A 866 -54.15 -34.58 -5.73
N TYR A 867 -54.17 -35.20 -6.91
CA TYR A 867 -53.63 -36.54 -7.10
C TYR A 867 -52.25 -36.45 -7.72
N HIS A 868 -51.73 -35.23 -7.79
CA HIS A 868 -50.40 -34.97 -8.34
C HIS A 868 -50.31 -35.19 -9.85
N GLN A 869 -51.45 -35.18 -10.54
CA GLN A 869 -51.42 -35.38 -11.99
C GLN A 869 -50.91 -34.14 -12.70
N LEU A 870 -50.94 -33.00 -12.01
CA LEU A 870 -50.45 -31.74 -12.56
C LEU A 870 -49.09 -31.99 -13.19
N THR A 871 -48.38 -32.96 -12.63
CA THR A 871 -47.06 -33.35 -13.10
C THR A 871 -47.00 -33.52 -14.61
N HIS A 872 -48.15 -33.78 -15.22
CA HIS A 872 -48.22 -33.98 -16.66
C HIS A 872 -48.90 -32.81 -17.35
N PHE A 873 -48.90 -31.66 -16.70
CA PHE A 873 -49.53 -30.45 -17.24
C PHE A 873 -49.13 -30.22 -18.69
N MET A 874 -47.98 -30.74 -19.09
CA MET A 874 -47.51 -30.60 -20.46
C MET A 874 -48.59 -31.16 -21.38
N GLN A 875 -49.15 -32.30 -20.95
CA GLN A 875 -50.19 -32.99 -21.68
C GLN A 875 -51.56 -32.49 -21.24
N CYS A 876 -52.11 -31.53 -21.97
CA CYS A 876 -53.42 -30.97 -21.63
C CYS A 876 -54.24 -30.73 -22.89
N THR A 877 -53.80 -29.79 -23.72
CA THR A 877 -54.50 -29.48 -24.95
C THR A 877 -54.51 -30.73 -25.83
N GLU A 878 -53.60 -31.66 -25.54
CA GLU A 878 -53.50 -32.89 -26.28
C GLU A 878 -54.77 -33.72 -26.07
N ASP A 879 -54.80 -34.45 -24.94
CA ASP A 879 -55.95 -35.26 -24.59
C ASP A 879 -56.83 -34.49 -23.62
N HIS A 880 -57.36 -33.36 -24.07
CA HIS A 880 -58.20 -32.52 -23.22
C HIS A 880 -59.22 -33.36 -22.46
N PRO A 881 -59.96 -34.24 -23.17
CA PRO A 881 -60.96 -35.07 -22.49
C PRO A 881 -60.37 -36.18 -21.61
N HIS A 882 -59.06 -36.19 -21.44
CA HIS A 882 -58.40 -37.21 -20.62
C HIS A 882 -58.92 -37.09 -19.19
N PHE A 883 -58.22 -36.35 -18.36
CA PHE A 883 -58.62 -36.14 -16.97
C PHE A 883 -58.71 -34.66 -16.67
N GLU A 884 -58.51 -33.86 -17.70
CA GLU A 884 -58.56 -32.41 -17.57
C GLU A 884 -59.98 -31.97 -17.24
N GLY A 885 -60.66 -31.43 -18.24
CA GLY A 885 -62.02 -30.97 -18.04
C GLY A 885 -62.04 -29.51 -17.62
N LEU A 886 -61.07 -28.75 -18.11
CA LEU A 886 -60.98 -27.32 -17.80
C LEU A 886 -59.95 -26.59 -18.67
N ASP A 887 -59.84 -25.29 -18.45
CA ASP A 887 -58.92 -24.44 -19.21
C ASP A 887 -57.49 -24.96 -19.17
N CYS A 888 -56.95 -25.30 -20.34
CA CYS A 888 -55.58 -25.81 -20.45
C CYS A 888 -54.55 -24.69 -20.51
N GLU A 889 -54.56 -23.80 -19.53
CA GLU A 889 -53.60 -22.71 -19.53
C GLU A 889 -53.37 -22.19 -18.13
N ILE A 890 -54.05 -22.80 -17.16
CA ILE A 890 -53.92 -22.40 -15.77
C ILE A 890 -52.47 -22.65 -15.35
N PHE A 891 -51.80 -23.53 -16.06
CA PHE A 891 -50.42 -23.85 -15.77
C PHE A 891 -49.54 -22.64 -16.05
N GLU A 892 -50.07 -21.69 -16.81
CA GLU A 892 -49.36 -20.45 -17.12
C GLU A 892 -49.90 -19.36 -16.21
N ALA A 893 -50.62 -19.76 -15.17
CA ALA A 893 -51.19 -18.82 -14.24
C ALA A 893 -50.09 -18.06 -13.50
N PRO A 894 -50.30 -16.75 -13.30
CA PRO A 894 -49.39 -15.82 -12.63
C PRO A 894 -49.35 -15.94 -11.10
N GLU A 895 -50.52 -16.09 -10.49
CA GLU A 895 -50.62 -16.20 -9.04
C GLU A 895 -49.70 -17.28 -8.46
N PRO A 896 -49.75 -18.50 -9.00
CA PRO A 896 -48.89 -19.56 -8.46
C PRO A 896 -47.41 -19.18 -8.46
N MET A 897 -47.02 -18.34 -9.42
CA MET A 897 -45.63 -17.92 -9.53
C MET A 897 -45.34 -16.79 -8.55
N THR A 898 -46.28 -15.87 -8.41
CA THR A 898 -46.12 -14.74 -7.49
C THR A 898 -46.19 -15.30 -6.08
N MET A 899 -46.53 -16.58 -5.99
CA MET A 899 -46.62 -17.25 -4.71
C MET A 899 -45.22 -17.64 -4.31
N ALA A 900 -44.69 -18.65 -5.01
CA ALA A 900 -43.34 -19.15 -4.75
C ALA A 900 -42.33 -18.02 -4.65
N LEU A 901 -42.62 -16.88 -5.26
CA LEU A 901 -41.68 -15.77 -5.21
C LEU A 901 -41.82 -14.99 -3.93
N SER A 902 -43.05 -14.65 -3.57
CA SER A 902 -43.27 -13.92 -2.34
C SER A 902 -42.77 -14.75 -1.15
N VAL A 903 -42.77 -16.07 -1.31
CA VAL A 903 -42.29 -16.93 -0.23
C VAL A 903 -40.76 -16.90 -0.20
N LEU A 904 -40.15 -16.70 -1.36
CA LEU A 904 -38.70 -16.62 -1.43
C LEU A 904 -38.33 -15.27 -0.82
N VAL A 905 -38.86 -14.22 -1.43
CA VAL A 905 -38.62 -12.87 -0.96
C VAL A 905 -38.58 -12.83 0.55
N THR A 906 -39.67 -13.24 1.18
CA THR A 906 -39.75 -13.22 2.64
C THR A 906 -38.68 -14.12 3.25
N ILE A 907 -38.55 -15.34 2.76
CA ILE A 907 -37.53 -16.24 3.28
C ILE A 907 -36.15 -15.59 3.22
N GLU A 908 -35.98 -14.64 2.30
CA GLU A 908 -34.72 -13.94 2.18
C GLU A 908 -34.61 -12.77 3.15
N MET A 909 -35.69 -12.01 3.31
CA MET A 909 -35.67 -10.90 4.25
C MET A 909 -35.54 -11.52 5.64
N CYS A 910 -35.84 -12.81 5.71
CA CYS A 910 -35.75 -13.55 6.94
C CYS A 910 -34.35 -14.08 7.12
N ASN A 911 -33.84 -14.72 6.08
CA ASN A 911 -32.49 -15.27 6.12
C ASN A 911 -31.48 -14.15 6.26
N ALA A 912 -31.85 -12.95 5.80
CA ALA A 912 -30.98 -11.80 5.90
C ALA A 912 -30.75 -11.52 7.38
N LEU A 913 -31.81 -11.67 8.17
CA LEU A 913 -31.72 -11.43 9.62
C LEU A 913 -30.92 -12.53 10.29
N ASN A 914 -30.99 -13.74 9.74
CA ASN A 914 -30.25 -14.86 10.29
C ASN A 914 -28.77 -14.72 10.02
N SER A 915 -28.43 -13.74 9.18
CA SER A 915 -27.04 -13.51 8.82
C SER A 915 -26.32 -12.39 9.60
N LEU A 916 -27.07 -11.62 10.39
CA LEU A 916 -26.50 -10.56 11.22
C LEU A 916 -25.35 -11.14 12.05
N SER A 917 -25.50 -12.40 12.45
CA SER A 917 -24.48 -13.07 13.22
C SER A 917 -24.41 -14.50 12.76
N GLU A 918 -23.20 -15.01 12.58
CA GLU A 918 -23.01 -16.38 12.14
C GLU A 918 -23.55 -17.40 13.12
N ASN A 919 -23.35 -17.15 14.42
CA ASN A 919 -23.81 -18.10 15.43
C ASN A 919 -24.67 -17.58 16.57
N GLN A 920 -24.82 -16.27 16.68
CA GLN A 920 -25.62 -15.74 17.77
C GLN A 920 -27.11 -15.63 17.45
N SER A 921 -27.94 -16.21 18.31
CA SER A 921 -29.39 -16.17 18.14
C SER A 921 -29.85 -14.72 18.12
N LEU A 922 -31.01 -14.48 17.50
CA LEU A 922 -31.52 -13.12 17.41
C LEU A 922 -31.98 -12.55 18.74
N MET A 923 -32.22 -13.42 19.71
CA MET A 923 -32.64 -12.97 21.04
C MET A 923 -31.42 -12.40 21.76
N ARG A 924 -30.24 -12.70 21.22
CA ARG A 924 -28.98 -12.22 21.75
C ARG A 924 -28.55 -11.06 20.84
N MET A 925 -28.61 -11.31 19.54
CA MET A 925 -28.25 -10.31 18.52
C MET A 925 -29.50 -9.88 17.77
N PRO A 926 -30.35 -9.06 18.40
CA PRO A 926 -31.59 -8.57 17.79
C PRO A 926 -31.36 -7.84 16.48
N PRO A 927 -32.36 -7.85 15.59
CA PRO A 927 -32.27 -7.18 14.30
C PRO A 927 -32.06 -5.68 14.36
N TRP A 928 -32.62 -5.03 15.38
CA TRP A 928 -32.47 -3.58 15.50
C TRP A 928 -31.04 -3.13 15.82
N VAL A 929 -30.10 -4.05 15.70
CA VAL A 929 -28.68 -3.77 15.93
C VAL A 929 -28.12 -3.11 14.67
N ASN A 930 -28.88 -3.25 13.59
CA ASN A 930 -28.52 -2.67 12.29
C ASN A 930 -29.80 -2.06 11.76
N ILE A 931 -30.01 -0.79 12.07
CA ILE A 931 -31.23 -0.13 11.61
C ILE A 931 -31.31 -0.20 10.09
N TRP A 932 -30.17 -0.07 9.43
CA TRP A 932 -30.11 -0.13 7.97
C TRP A 932 -30.68 -1.44 7.45
N LEU A 933 -30.29 -2.54 8.09
CA LEU A 933 -30.77 -3.85 7.69
C LEU A 933 -32.28 -3.91 7.70
N LEU A 934 -32.89 -3.19 8.65
CA LEU A 934 -34.34 -3.17 8.75
C LEU A 934 -34.88 -2.18 7.73
N GLY A 935 -34.27 -1.00 7.68
CA GLY A 935 -34.69 0.02 6.73
C GLY A 935 -34.67 -0.52 5.31
N SER A 936 -33.65 -1.31 4.99
CA SER A 936 -33.53 -1.89 3.66
C SER A 936 -34.64 -2.90 3.42
N ILE A 937 -34.87 -3.78 4.39
CA ILE A 937 -35.92 -4.78 4.23
C ILE A 937 -37.21 -4.10 3.83
N CYS A 938 -37.53 -3.00 4.50
CA CYS A 938 -38.73 -2.26 4.17
C CYS A 938 -38.67 -1.82 2.71
N LEU A 939 -37.53 -1.27 2.33
CA LEU A 939 -37.34 -0.80 0.96
C LEU A 939 -37.48 -1.91 -0.08
N SER A 940 -37.09 -3.13 0.28
CA SER A 940 -37.22 -4.24 -0.66
C SER A 940 -38.68 -4.69 -0.72
N MET A 941 -39.33 -4.76 0.43
CA MET A 941 -40.73 -5.17 0.49
C MET A 941 -41.64 -4.26 -0.30
N SER A 942 -41.54 -2.96 -0.05
CA SER A 942 -42.37 -2.03 -0.81
C SER A 942 -42.01 -2.17 -2.29
N LEU A 943 -40.75 -2.48 -2.59
CA LEU A 943 -40.32 -2.65 -3.97
C LEU A 943 -40.96 -3.90 -4.56
N HIS A 944 -41.14 -4.91 -3.70
CA HIS A 944 -41.76 -6.15 -4.14
C HIS A 944 -43.19 -5.83 -4.53
N PHE A 945 -43.90 -5.10 -3.68
CA PHE A 945 -45.27 -4.74 -3.95
C PHE A 945 -45.37 -3.84 -5.17
N LEU A 946 -44.25 -3.20 -5.52
CA LEU A 946 -44.22 -2.32 -6.69
C LEU A 946 -44.36 -3.12 -7.98
N ILE A 947 -43.84 -4.35 -7.98
CA ILE A 947 -43.93 -5.18 -9.18
C ILE A 947 -45.25 -5.91 -9.25
N LEU A 948 -46.06 -5.78 -8.20
CA LEU A 948 -47.36 -6.43 -8.19
C LEU A 948 -48.47 -5.42 -8.44
N TYR A 949 -48.45 -4.31 -7.72
CA TYR A 949 -49.47 -3.27 -7.84
C TYR A 949 -49.38 -2.36 -9.06
N VAL A 950 -48.18 -2.00 -9.49
CA VAL A 950 -48.03 -1.15 -10.67
C VAL A 950 -48.83 -1.85 -11.79
N ASP A 951 -48.87 -1.29 -12.99
CA ASP A 951 -49.61 -1.96 -14.08
C ASP A 951 -48.68 -2.52 -15.15
N PRO A 952 -47.65 -1.75 -15.57
CA PRO A 952 -46.76 -2.29 -16.58
C PRO A 952 -45.93 -3.47 -16.03
N LEU A 953 -45.41 -3.33 -14.81
CA LEU A 953 -44.59 -4.37 -14.19
C LEU A 953 -45.36 -5.68 -14.06
N PRO A 954 -46.65 -5.60 -13.72
CA PRO A 954 -47.50 -6.78 -13.56
C PRO A 954 -47.52 -7.66 -14.79
N MET A 955 -47.48 -7.03 -15.96
CA MET A 955 -47.53 -7.81 -17.18
C MET A 955 -46.29 -8.70 -17.27
N ILE A 956 -45.14 -8.12 -16.95
CA ILE A 956 -43.88 -8.82 -17.00
C ILE A 956 -43.71 -9.66 -15.75
N PHE A 957 -44.11 -9.13 -14.62
CA PHE A 957 -43.97 -9.88 -13.38
C PHE A 957 -45.31 -10.13 -12.68
N LYS A 958 -46.17 -10.90 -13.37
CA LYS A 958 -47.50 -11.32 -12.90
C LYS A 958 -48.39 -10.38 -12.15
N LEU A 959 -49.51 -10.95 -11.71
CA LEU A 959 -50.59 -10.22 -11.00
C LEU A 959 -50.57 -10.49 -9.49
N LYS A 960 -50.92 -9.46 -8.72
CA LYS A 960 -50.94 -9.49 -7.26
C LYS A 960 -51.57 -10.63 -6.48
N ALA A 961 -51.38 -10.55 -5.16
CA ALA A 961 -51.89 -11.55 -4.22
C ALA A 961 -53.09 -10.98 -3.40
N LEU A 962 -53.79 -11.91 -2.74
CA LEU A 962 -54.92 -11.61 -1.89
C LEU A 962 -54.11 -11.50 -0.61
N ASP A 963 -54.32 -10.47 0.20
CA ASP A 963 -53.51 -10.31 1.40
C ASP A 963 -53.81 -11.15 2.61
N LEU A 964 -55.07 -11.58 2.78
CA LEU A 964 -55.41 -12.35 3.97
C LEU A 964 -55.17 -13.85 3.85
N THR A 965 -55.32 -14.44 2.68
CA THR A 965 -55.13 -15.86 2.64
C THR A 965 -53.92 -16.24 1.83
N GLN A 966 -53.80 -15.63 0.67
CA GLN A 966 -52.68 -15.89 -0.20
C GLN A 966 -51.38 -15.47 0.46
N TRP A 967 -51.38 -14.30 1.09
CA TRP A 967 -50.18 -13.80 1.73
C TRP A 967 -49.88 -14.53 3.02
N LEU A 968 -50.87 -14.69 3.88
CA LEU A 968 -50.65 -15.39 5.14
C LEU A 968 -50.10 -16.78 4.87
N MET A 969 -50.48 -17.34 3.73
CA MET A 969 -50.00 -18.65 3.34
C MET A 969 -48.48 -18.50 3.29
N VAL A 970 -48.05 -17.49 2.53
CA VAL A 970 -46.65 -17.15 2.34
C VAL A 970 -45.87 -17.17 3.64
N LEU A 971 -46.39 -16.44 4.63
CA LEU A 971 -45.76 -16.33 5.95
C LEU A 971 -45.60 -17.65 6.67
N LYS A 972 -46.69 -18.41 6.80
CA LYS A 972 -46.59 -19.68 7.49
C LYS A 972 -45.65 -20.64 6.78
N ILE A 973 -45.18 -20.23 5.61
CA ILE A 973 -44.25 -21.05 4.84
C ILE A 973 -42.82 -20.57 5.04
N SER A 974 -42.63 -19.25 4.96
CA SER A 974 -41.32 -18.64 5.13
C SER A 974 -40.89 -18.50 6.58
N LEU A 975 -41.56 -17.64 7.34
CA LEU A 975 -41.24 -17.38 8.76
C LEU A 975 -40.60 -18.54 9.51
N PRO A 976 -41.05 -19.78 9.25
CA PRO A 976 -40.46 -20.93 9.94
C PRO A 976 -38.94 -21.04 9.73
N VAL A 977 -38.43 -20.43 8.66
CA VAL A 977 -36.99 -20.48 8.38
C VAL A 977 -36.16 -20.04 9.58
N ILE A 978 -36.47 -18.84 10.08
CA ILE A 978 -35.81 -18.27 11.23
C ILE A 978 -35.65 -19.32 12.32
N GLY A 979 -36.65 -20.19 12.44
CA GLY A 979 -36.59 -21.22 13.45
C GLY A 979 -35.58 -22.27 13.07
N LEU A 980 -35.72 -22.79 11.85
CA LEU A 980 -34.81 -23.81 11.35
C LEU A 980 -33.36 -23.42 11.57
N ASP A 981 -33.07 -22.15 11.35
CA ASP A 981 -31.71 -21.64 11.50
C ASP A 981 -31.34 -21.53 12.97
N GLU A 982 -32.20 -20.86 13.74
CA GLU A 982 -31.98 -20.70 15.17
C GLU A 982 -31.71 -22.07 15.79
N ILE A 983 -32.35 -23.08 15.21
CA ILE A 983 -32.18 -24.46 15.69
C ILE A 983 -30.76 -24.94 15.36
N LEU A 984 -30.37 -24.79 14.09
CA LEU A 984 -29.05 -25.20 13.66
C LEU A 984 -27.99 -24.30 14.28
N LYS A 985 -28.39 -23.07 14.60
CA LYS A 985 -27.47 -22.13 15.23
C LYS A 985 -27.20 -22.60 16.65
N PHE A 986 -28.28 -22.87 17.38
CA PHE A 986 -28.19 -23.34 18.75
C PHE A 986 -27.24 -24.53 18.85
N ILE A 987 -27.10 -25.27 17.76
CA ILE A 987 -26.23 -26.43 17.76
C ILE A 987 -24.80 -26.03 18.13
N ALA A 988 -24.54 -24.72 18.21
CA ALA A 988 -23.24 -24.18 18.57
C ALA A 988 -22.95 -24.35 20.05
N ARG A 989 -23.99 -24.62 20.82
CA ARG A 989 -23.85 -24.83 22.26
C ARG A 989 -23.54 -26.29 22.56
N ASN A 990 -23.90 -27.18 21.64
CA ASN A 990 -23.63 -28.61 21.84
C ASN A 990 -22.22 -28.92 21.40
N TYR A 991 -21.59 -27.97 20.72
CA TYR A 991 -20.21 -28.14 20.28
C TYR A 991 -19.30 -27.39 21.25
N LEU A 992 -18.00 -27.35 20.97
CA LEU A 992 -17.04 -26.68 21.84
C LEU A 992 -16.49 -25.36 21.28
N GLU A 993 -16.94 -24.96 20.10
CA GLU A 993 -16.47 -23.73 19.48
C GLU A 993 -17.47 -22.59 19.54
N GLY A 994 -17.10 -21.51 20.24
CA GLY A 994 -17.98 -20.36 20.35
C GLY A 994 -17.34 -19.11 19.78
C34 TG1 B . -15.57 -23.09 -0.95
C11 TG1 B . -16.62 -23.05 -2.11
C7 TG1 B . -18.06 -23.55 -1.65
C8 TG1 B . -18.85 -22.58 -0.68
C9 TG1 B . -20.26 -23.03 -0.23
C10 TG1 B . -21.35 -23.54 -1.24
C1 TG1 B . -21.02 -24.77 -2.25
C2 TG1 B . -22.30 -25.30 -3.00
O1 TG1 B . -22.60 -26.70 -2.70
C13 TG1 B . -24.02 -26.96 -2.55
O2 TG1 B . -24.90 -26.15 -2.30
C14 TG1 B . -24.27 -28.48 -2.75
C15 TG1 B . -24.82 -28.88 -4.13
C16 TG1 B . -26.28 -29.39 -4.22
C17 TG1 B . -27.24 -28.44 -5.01
C18 TG1 B . -27.84 -29.10 -6.28
C19 TG1 B . -29.26 -29.65 -6.12
C20 TG1 B . -29.31 -31.04 -6.78
C3 TG1 B . -22.05 -25.24 -4.50
O3 TG1 B . -23.12 -24.26 -4.90
C21 TG1 B . -24.03 -24.59 -5.83
O4 TG1 B . -23.95 -25.63 -6.66
C22 TG1 B . -25.28 -23.61 -5.91
C23 TG1 B . -26.50 -24.38 -6.26
C24 TG1 B . -25.42 -22.30 -5.74
C25 TG1 B . -24.43 -21.24 -5.39
C4 TG1 B . -20.63 -24.67 -4.61
C26 TG1 B . -20.05 -24.48 -5.99
C5 TG1 B . -20.06 -24.41 -3.39
C6 TG1 B . -18.61 -23.83 -3.08
O5 TG1 B . -17.56 -24.66 -3.59
C12 TG1 B . -16.39 -24.03 -3.27
O12 TG1 B . -15.30 -24.18 -3.83
C31 TG1 B . -21.91 -22.27 -1.99
O9 TG1 B . -22.55 -23.81 -0.39
C32 TG1 B . -22.91 -24.70 0.54
O10 TG1 B . -22.76 -25.91 0.47
C33 TG1 B . -23.53 -24.02 1.67
O7 TG1 B . -18.96 -21.24 -1.31
C27 TG1 B . -18.32 -20.12 -0.74
O8 TG1 B . -17.64 -20.06 0.29
C28 TG1 B . -18.61 -18.93 -1.59
C29 TG1 B . -17.32 -18.37 -2.15
C30 TG1 B . -17.67 -16.99 -2.64
O6 TG1 B . -17.95 -24.87 -0.97
O11 TG1 B . -16.50 -21.77 -2.82
PG ACP C . 19.33 8.34 7.36
O1G ACP C . 18.74 8.25 8.75
O2G ACP C . 18.91 7.18 6.55
O3G ACP C . 19.06 9.70 6.70
PB ACP C . 21.63 9.50 8.51
O1B ACP C . 21.32 8.82 9.80
O2B ACP C . 21.13 10.88 8.53
C3B ACP C . 21.05 8.49 7.39
PA ACP C . 24.57 9.87 7.72
O1A ACP C . 24.35 11.00 6.72
O2A ACP C . 24.94 8.56 7.07
O3A ACP C . 23.26 9.68 8.61
O5' ACP C . 25.51 10.54 8.81
C5' ACP C . 26.11 9.62 9.75
C4' ACP C . 26.89 10.04 11.03
O4' ACP C . 27.43 11.31 10.80
C3' ACP C . 25.76 10.19 11.95
O3' ACP C . 25.50 8.98 12.64
C2' ACP C . 26.15 11.42 12.80
O2' ACP C . 26.84 11.01 13.96
C1' ACP C . 26.96 12.19 11.82
N9 ACP C . 26.25 13.36 11.08
C8 ACP C . 24.94 13.69 10.93
N7 ACP C . 24.69 14.79 10.22
C5 ACP C . 25.90 15.19 9.90
C6 ACP C . 26.43 16.30 9.12
N6 ACP C . 25.61 17.23 8.57
N1 ACP C . 27.80 16.46 8.96
C2 ACP C . 28.68 15.56 9.51
N3 ACP C . 28.27 14.48 10.25
C4 ACP C . 26.91 14.33 10.40
MG MG D . 22.79 12.48 7.17
NA NA E . 2.23 -4.24 -3.86
#